data_8X0J
#
_entry.id   8X0J
#
_cell.length_a   86.060
_cell.length_b   143.570
_cell.length_c   155.470
_cell.angle_alpha   90.00
_cell.angle_beta   90.00
_cell.angle_gamma   90.00
#
_symmetry.space_group_name_H-M   'I 21 21 21'
#
loop_
_entity.id
_entity.type
_entity.pdbx_description
1 polymer 'NADPH dehydrogenase'
2 non-polymer 'PHOSPHATE ION'
#
_entity_poly.entity_id   1
_entity_poly.type   'polypeptide(L)'
_entity_poly.pdbx_seq_one_letter_code
;MNTMLFSPYTIRGLTLKNRIVMSPMCMYSCDTKDGAVRTWHKIHYPARAVGQVGLIIVEATGVTPQGRISERDLGIWSDD
HIAGLRELVGLVKEHGAAIGIALAHAGRKSQVPGEIIAPSAVPFDDSSPTPKEMTKADIEETVQAFQNGARRAKEAGFDV
IEIHAAHGFLINEFLSPLSNRRQDEYGGSPENRYRFLGEVIDAVREVWDGPLFVAISASDYHPDGLTAKDYVPYAKRMKE
QGVDLVDVSSGAIVPARMNVYPGYQVPFAELIRREADIPTGAVGLITSGWQAEEILQNGRADLVFLGAELLRNPYWPYAA
ARELGAKISAPVQYERGWRF
;
_entity_poly.pdbx_strand_id   A,B
#
# COMPACT_ATOMS: atom_id res chain seq x y z
N MET A 1 22.29 12.04 32.19
CA MET A 1 23.73 11.61 32.19
C MET A 1 24.02 10.66 31.03
N ASN A 2 23.34 9.52 31.01
CA ASN A 2 23.52 8.48 29.98
C ASN A 2 22.30 8.32 29.05
N THR A 3 22.31 9.02 27.91
CA THR A 3 21.12 9.19 27.08
C THR A 3 21.18 8.41 25.77
N MET A 4 20.05 8.38 25.08
CA MET A 4 19.93 7.68 23.80
C MET A 4 20.31 8.58 22.63
N LEU A 5 19.89 9.84 22.67
CA LEU A 5 20.26 10.83 21.67
C LEU A 5 21.74 10.84 21.36
N PHE A 6 22.59 10.75 22.39
CA PHE A 6 24.03 10.74 22.18
C PHE A 6 24.61 9.34 22.34
N SER A 7 23.97 8.37 21.72
CA SER A 7 24.46 7.01 21.69
C SER A 7 24.86 6.68 20.25
N PRO A 8 25.86 5.82 20.05
CA PRO A 8 26.19 5.48 18.68
C PRO A 8 25.05 4.78 17.95
N TYR A 9 25.14 4.77 16.63
CA TYR A 9 24.18 4.08 15.78
C TYR A 9 24.90 3.58 14.54
N THR A 10 24.96 2.27 14.38
CA THR A 10 25.68 1.70 13.27
C THR A 10 24.73 1.37 12.13
N ILE A 11 25.06 1.83 10.94
CA ILE A 11 24.30 1.51 9.73
C ILE A 11 25.26 0.78 8.82
N ARG A 12 24.91 -0.47 8.51
CA ARG A 12 25.82 -1.40 7.87
C ARG A 12 27.08 -1.40 8.71
N GLY A 13 28.22 -1.04 8.16
CA GLY A 13 29.44 -0.97 8.97
C GLY A 13 29.80 0.42 9.47
N LEU A 14 29.01 1.44 9.12
CA LEU A 14 29.33 2.84 9.45
C LEU A 14 28.72 3.20 10.78
N THR A 15 29.52 3.73 11.70
CA THR A 15 29.00 4.05 13.03
C THR A 15 28.96 5.56 13.23
N LEU A 16 27.79 6.07 13.57
CA LEU A 16 27.59 7.49 13.79
C LEU A 16 27.80 7.73 15.27
N LYS A 17 28.46 8.83 15.64
CA LYS A 17 28.70 9.10 17.07
C LYS A 17 27.42 9.37 17.86
N ASN A 18 26.39 9.90 17.21
CA ASN A 18 25.09 10.16 17.84
C ASN A 18 23.95 10.05 16.83
N ARG A 19 22.71 10.25 17.30
CA ARG A 19 21.51 10.12 16.45
C ARG A 19 21.10 11.44 15.80
N ILE A 20 21.94 12.46 15.91
CA ILE A 20 21.64 13.73 15.32
C ILE A 20 22.11 13.69 13.87
N VAL A 21 21.26 14.21 12.99
CA VAL A 21 21.50 14.24 11.54
C VAL A 21 21.03 15.58 11.05
N MET A 22 21.79 16.17 10.13
CA MET A 22 21.37 17.38 9.46
C MET A 22 20.64 16.96 8.19
N SER A 23 19.39 17.43 8.05
CA SER A 23 18.63 17.20 6.83
C SER A 23 19.24 17.96 5.66
N PRO A 24 18.98 17.47 4.45
CA PRO A 24 19.37 18.25 3.27
C PRO A 24 18.49 19.49 3.15
N MET A 25 19.13 20.65 3.04
CA MET A 25 18.43 21.92 2.87
C MET A 25 19.17 22.77 1.84
N CYS A 26 18.50 23.01 0.72
CA CYS A 26 19.08 23.78 -0.40
C CYS A 26 19.48 25.18 0.02
N MET A 27 20.71 25.54 -0.35
CA MET A 27 21.31 26.81 0.03
C MET A 27 21.39 27.80 -1.15
N TYR A 28 21.04 27.34 -2.36
CA TYR A 28 20.97 28.22 -3.53
C TYR A 28 22.21 29.10 -3.69
N SER A 29 23.38 28.50 -3.50
CA SER A 29 24.63 29.24 -3.44
C SER A 29 25.70 28.78 -4.44
N CYS A 30 25.30 28.04 -5.48
CA CYS A 30 26.18 27.83 -6.62
C CYS A 30 25.98 28.99 -7.59
N ASP A 31 26.65 30.10 -7.28
CA ASP A 31 26.58 31.31 -8.08
C ASP A 31 27.12 31.09 -9.50
N THR A 32 28.09 30.18 -9.64
CA THR A 32 28.63 29.85 -10.95
C THR A 32 27.64 29.06 -11.83
N LYS A 33 26.50 28.69 -11.28
CA LYS A 33 25.40 28.07 -12.04
C LYS A 33 25.81 26.82 -12.84
N ASP A 34 26.75 26.06 -12.28
CA ASP A 34 27.32 24.89 -12.95
C ASP A 34 27.35 23.64 -12.05
N GLY A 35 26.59 23.67 -10.96
CA GLY A 35 26.61 22.61 -9.95
C GLY A 35 27.86 22.55 -9.10
N ALA A 36 28.70 23.57 -9.17
CA ALA A 36 30.00 23.53 -8.50
C ALA A 36 29.85 23.83 -7.01
N VAL A 37 30.69 23.18 -6.21
CA VAL A 37 30.79 23.46 -4.78
C VAL A 37 31.54 24.78 -4.63
N ARG A 38 31.19 25.54 -3.60
CA ARG A 38 31.61 26.94 -3.48
C ARG A 38 32.07 27.25 -2.07
N THR A 39 32.58 28.47 -1.89
CA THR A 39 33.04 28.94 -0.59
C THR A 39 31.92 28.75 0.43
N TRP A 40 30.71 29.17 0.08
CA TRP A 40 29.58 29.10 1.00
C TRP A 40 29.42 27.72 1.64
N HIS A 41 29.49 26.69 0.78
CA HIS A 41 29.25 25.32 1.18
C HIS A 41 30.38 24.82 2.09
N LYS A 42 31.60 25.29 1.85
CA LYS A 42 32.78 24.91 2.62
C LYS A 42 32.82 25.52 4.04
N ILE A 43 32.01 26.55 4.28
CA ILE A 43 31.82 27.13 5.61
C ILE A 43 30.60 26.50 6.27
N HIS A 44 29.50 26.48 5.50
CA HIS A 44 28.19 26.07 5.97
C HIS A 44 28.16 24.65 6.55
N TYR A 45 28.70 23.70 5.81
CA TYR A 45 28.58 22.30 6.17
C TYR A 45 29.53 21.84 7.29
N PRO A 46 30.79 22.28 7.28
CA PRO A 46 31.68 21.87 8.38
C PRO A 46 31.40 22.55 9.72
N ALA A 47 30.65 23.65 9.70
CA ALA A 47 30.28 24.34 10.93
C ALA A 47 29.42 23.40 11.78
N ARG A 48 28.51 22.67 11.15
CA ARG A 48 27.65 21.72 11.86
C ARG A 48 28.45 20.49 12.31
N ALA A 49 29.50 20.17 11.57
CA ALA A 49 30.38 19.07 11.93
C ALA A 49 31.12 19.39 13.23
N VAL A 50 31.66 20.60 13.29
CA VAL A 50 32.35 21.12 14.47
C VAL A 50 31.41 21.10 15.69
N GLY A 51 30.17 21.49 15.46
CA GLY A 51 29.15 21.42 16.49
C GLY A 51 28.63 20.03 16.81
N GLN A 52 29.38 18.99 16.43
CA GLN A 52 29.12 17.59 16.83
C GLN A 52 27.91 16.92 16.24
N VAL A 53 27.39 17.42 15.12
CA VAL A 53 26.37 16.70 14.39
C VAL A 53 27.04 15.42 13.88
N GLY A 54 26.34 14.30 14.07
CA GLY A 54 26.88 12.98 13.77
C GLY A 54 26.89 12.65 12.29
N LEU A 55 25.84 13.08 11.58
CA LEU A 55 25.72 12.83 10.15
C LEU A 55 25.13 14.04 9.46
N ILE A 56 25.82 14.53 8.44
CA ILE A 56 25.42 15.74 7.74
C ILE A 56 25.11 15.39 6.30
N ILE A 57 23.83 15.48 5.93
CA ILE A 57 23.41 15.22 4.55
C ILE A 57 23.45 16.53 3.76
N VAL A 58 24.28 16.53 2.72
CA VAL A 58 24.44 17.68 1.84
C VAL A 58 23.15 17.85 1.03
N GLU A 59 22.85 19.10 0.70
CA GLU A 59 21.58 19.45 0.04
C GLU A 59 21.28 18.66 -1.23
N ALA A 60 20.00 18.70 -1.62
CA ALA A 60 19.53 18.07 -2.84
C ALA A 60 20.48 18.43 -3.95
N THR A 61 21.15 17.42 -4.50
CA THR A 61 22.13 17.63 -5.57
C THR A 61 21.62 17.02 -6.87
N GLY A 62 21.56 17.84 -7.92
CA GLY A 62 20.90 17.47 -9.16
C GLY A 62 21.67 16.48 -10.00
N VAL A 63 21.05 15.34 -10.31
CA VAL A 63 21.71 14.30 -11.10
C VAL A 63 21.83 14.67 -12.58
N THR A 64 20.99 15.61 -13.01
CA THR A 64 21.13 16.26 -14.32
C THR A 64 20.85 17.76 -14.14
N PRO A 65 21.29 18.60 -15.08
CA PRO A 65 21.00 20.04 -15.00
C PRO A 65 19.51 20.35 -15.08
N GLN A 66 18.78 19.54 -15.83
CA GLN A 66 17.32 19.52 -15.83
C GLN A 66 16.71 19.27 -14.45
N GLY A 67 17.30 18.33 -13.72
CA GLY A 67 16.79 17.93 -12.40
C GLY A 67 17.19 18.80 -11.22
N ARG A 68 17.74 19.97 -11.50
CA ARG A 68 17.96 20.97 -10.47
C ARG A 68 16.64 21.67 -10.18
N ILE A 69 16.47 22.07 -8.92
CA ILE A 69 15.33 22.89 -8.56
C ILE A 69 15.54 24.28 -9.15
N SER A 70 16.70 24.86 -8.88
CA SER A 70 17.09 26.18 -9.37
C SER A 70 18.47 26.09 -10.02
N GLU A 71 18.83 27.16 -10.73
CA GLU A 71 20.14 27.24 -11.38
C GLU A 71 21.29 27.30 -10.38
N ARG A 72 20.99 27.77 -9.17
CA ARG A 72 22.02 28.00 -8.15
C ARG A 72 22.21 26.78 -7.23
N ASP A 73 21.70 25.62 -7.65
CA ASP A 73 21.86 24.37 -6.91
C ASP A 73 23.18 23.69 -7.16
N LEU A 74 23.50 22.74 -6.27
CA LEU A 74 24.60 21.82 -6.47
C LEU A 74 24.23 20.76 -7.51
N GLY A 75 25.25 20.25 -8.19
CA GLY A 75 25.09 19.23 -9.22
C GLY A 75 26.11 18.10 -9.11
N ILE A 76 25.76 16.96 -9.70
CA ILE A 76 26.64 15.80 -9.73
C ILE A 76 26.50 15.05 -11.06
N TRP A 77 26.24 15.79 -12.13
CA TRP A 77 26.03 15.19 -13.44
C TRP A 77 27.32 15.04 -14.23
N SER A 78 28.45 15.45 -13.66
CA SER A 78 29.72 15.48 -14.37
C SER A 78 30.84 15.02 -13.47
N ASP A 79 31.87 14.43 -14.05
CA ASP A 79 33.04 14.03 -13.30
C ASP A 79 33.81 15.25 -12.79
N ASP A 80 33.61 16.41 -13.42
CA ASP A 80 34.19 17.67 -12.91
C ASP A 80 33.70 18.01 -11.48
N HIS A 81 32.51 17.56 -11.12
CA HIS A 81 31.97 17.80 -9.78
C HIS A 81 32.66 17.01 -8.66
N ILE A 82 33.34 15.92 -9.02
CA ILE A 82 33.94 15.04 -8.01
C ILE A 82 34.97 15.75 -7.11
N ALA A 83 35.76 16.64 -7.70
CA ALA A 83 36.83 17.33 -6.96
C ALA A 83 36.28 18.30 -5.94
N GLY A 84 35.35 19.14 -6.37
CA GLY A 84 34.66 20.06 -5.46
C GLY A 84 34.02 19.33 -4.31
N LEU A 85 33.26 18.29 -4.63
CA LEU A 85 32.62 17.46 -3.62
C LEU A 85 33.61 16.73 -2.73
N ARG A 86 34.72 16.23 -3.28
CA ARG A 86 35.70 15.51 -2.46
C ARG A 86 36.33 16.42 -1.41
N GLU A 87 36.46 17.70 -1.74
CA GLU A 87 36.99 18.66 -0.79
C GLU A 87 36.00 18.88 0.35
N LEU A 88 34.74 19.06 -0.01
CA LEU A 88 33.67 19.25 0.95
C LEU A 88 33.62 18.07 1.91
N VAL A 89 33.71 16.86 1.35
CA VAL A 89 33.78 15.65 2.16
C VAL A 89 34.92 15.73 3.15
N GLY A 90 36.10 16.12 2.66
CA GLY A 90 37.27 16.27 3.51
C GLY A 90 37.07 17.25 4.65
N LEU A 91 36.46 18.39 4.34
CA LEU A 91 36.26 19.45 5.33
C LEU A 91 35.24 19.07 6.40
N VAL A 92 34.27 18.24 6.05
CA VAL A 92 33.27 17.80 7.02
C VAL A 92 33.79 16.65 7.88
N LYS A 93 34.46 15.69 7.26
CA LYS A 93 34.95 14.52 7.97
C LYS A 93 36.10 14.89 8.89
N GLU A 94 36.97 15.78 8.40
CA GLU A 94 38.10 16.28 9.18
C GLU A 94 37.64 16.63 10.60
N HIS A 95 36.49 17.29 10.72
CA HIS A 95 35.98 17.77 12.01
C HIS A 95 34.96 16.84 12.69
N GLY A 96 35.09 15.52 12.50
CA GLY A 96 34.36 14.51 13.30
C GLY A 96 33.15 13.84 12.65
N ALA A 97 32.38 14.61 11.88
CA ALA A 97 31.09 14.15 11.36
C ALA A 97 31.20 13.18 10.21
N ALA A 98 30.18 12.36 10.02
CA ALA A 98 30.03 11.59 8.79
C ALA A 98 29.28 12.46 7.78
N ILE A 99 29.37 12.13 6.50
CA ILE A 99 28.73 12.94 5.48
C ILE A 99 27.98 12.08 4.48
N GLY A 100 26.82 12.59 4.09
CA GLY A 100 25.98 11.98 3.08
C GLY A 100 25.61 13.00 2.04
N ILE A 101 24.87 12.54 1.03
CA ILE A 101 24.41 13.44 -0.02
C ILE A 101 23.08 12.96 -0.58
N ALA A 102 22.19 13.91 -0.78
CA ALA A 102 20.88 13.63 -1.35
C ALA A 102 20.92 13.77 -2.86
N LEU A 103 20.99 12.63 -3.55
CA LEU A 103 20.88 12.61 -5.01
C LEU A 103 19.45 12.96 -5.35
N ALA A 104 19.25 13.94 -6.23
CA ALA A 104 17.94 14.56 -6.40
C ALA A 104 17.61 14.80 -7.87
N HIS A 105 16.34 14.67 -8.20
CA HIS A 105 15.82 15.19 -9.45
C HIS A 105 14.53 15.91 -9.11
N ALA A 106 14.42 17.15 -9.59
CA ALA A 106 13.35 18.06 -9.20
C ALA A 106 12.06 17.86 -9.98
N GLY A 107 12.10 17.02 -11.01
CA GLY A 107 10.93 16.75 -11.84
C GLY A 107 10.24 18.00 -12.34
N ARG A 108 8.91 18.00 -12.24
CA ARG A 108 8.07 19.08 -12.77
C ARG A 108 8.14 20.34 -11.92
N LYS A 109 8.74 20.23 -10.73
CA LYS A 109 8.95 21.38 -9.86
C LYS A 109 10.30 22.07 -10.11
N SER A 110 10.97 21.71 -11.19
CA SER A 110 12.21 22.41 -11.55
C SER A 110 11.85 23.78 -12.04
N GLN A 111 12.62 24.78 -11.60
CA GLN A 111 12.47 26.15 -12.08
C GLN A 111 13.61 26.53 -13.01
N VAL A 112 14.34 25.54 -13.52
CA VAL A 112 15.43 25.79 -14.45
C VAL A 112 14.80 26.13 -15.79
N PRO A 113 15.33 27.16 -16.48
CA PRO A 113 14.83 27.46 -17.82
C PRO A 113 14.96 26.29 -18.78
N GLY A 114 13.98 26.13 -19.64
CA GLY A 114 13.99 25.06 -20.62
C GLY A 114 13.04 23.95 -20.25
N GLU A 115 13.25 22.82 -20.91
CA GLU A 115 12.42 21.63 -20.74
C GLU A 115 12.57 21.04 -19.34
N ILE A 116 11.45 20.81 -18.67
CA ILE A 116 11.43 20.08 -17.41
C ILE A 116 10.64 18.80 -17.68
N ILE A 117 10.95 17.72 -16.94
CA ILE A 117 10.34 16.43 -17.22
C ILE A 117 9.62 15.81 -16.01
N ALA A 118 8.70 14.90 -16.29
CA ALA A 118 7.81 14.33 -15.30
C ALA A 118 7.21 13.04 -15.84
N PRO A 119 6.63 12.20 -14.98
CA PRO A 119 5.98 10.98 -15.48
C PRO A 119 4.82 11.27 -16.43
N SER A 120 4.07 12.32 -16.15
CA SER A 120 2.94 12.71 -16.97
C SER A 120 2.95 14.21 -17.17
N ALA A 121 2.46 14.66 -18.33
CA ALA A 121 2.53 16.08 -18.72
C ALA A 121 1.46 16.91 -18.00
N VAL A 122 1.67 17.08 -16.70
CA VAL A 122 0.69 17.67 -15.81
C VAL A 122 1.42 18.63 -14.86
N PRO A 123 1.11 19.93 -14.91
CA PRO A 123 1.84 20.89 -14.07
C PRO A 123 1.58 20.79 -12.57
N PHE A 124 2.45 21.38 -11.76
CA PHE A 124 2.28 21.42 -10.29
C PHE A 124 1.00 22.17 -9.89
N ASP A 125 0.82 23.35 -10.48
CA ASP A 125 -0.35 24.20 -10.25
C ASP A 125 -0.64 24.99 -11.53
N ASP A 126 -1.70 25.80 -11.49
CA ASP A 126 -2.05 26.71 -12.59
C ASP A 126 -0.85 27.54 -13.03
N SER A 127 -0.01 27.95 -12.08
CA SER A 127 1.11 28.84 -12.35
C SER A 127 2.41 28.17 -12.82
N SER A 128 2.44 26.85 -12.95
CA SER A 128 3.71 26.14 -13.23
C SER A 128 3.78 25.65 -14.67
N PRO A 129 5.01 25.60 -15.24
CA PRO A 129 5.16 25.04 -16.60
C PRO A 129 4.66 23.60 -16.69
N THR A 130 4.12 23.23 -17.84
CA THR A 130 3.72 21.84 -18.07
C THR A 130 4.96 21.03 -18.49
N PRO A 131 5.28 19.96 -17.76
CA PRO A 131 6.46 19.19 -18.10
C PRO A 131 6.26 18.27 -19.30
N LYS A 132 7.36 17.75 -19.82
CA LYS A 132 7.33 16.80 -20.92
C LYS A 132 7.14 15.40 -20.38
N GLU A 133 6.07 14.72 -20.80
CA GLU A 133 5.90 13.31 -20.47
C GLU A 133 7.14 12.52 -20.88
N MET A 134 7.61 11.66 -19.99
CA MET A 134 8.89 10.96 -20.18
C MET A 134 8.72 9.71 -21.03
N THR A 135 9.64 9.52 -21.98
CA THR A 135 9.72 8.31 -22.79
C THR A 135 10.47 7.22 -22.01
N LYS A 136 10.34 5.96 -22.42
CA LYS A 136 11.11 4.90 -21.77
C LYS A 136 12.60 5.21 -21.82
N ALA A 137 13.06 5.82 -22.91
CA ALA A 137 14.44 6.27 -23.01
C ALA A 137 14.76 7.30 -21.91
N ASP A 138 13.88 8.28 -21.73
CA ASP A 138 14.06 9.28 -20.69
C ASP A 138 14.19 8.62 -19.34
N ILE A 139 13.27 7.71 -19.04
CA ILE A 139 13.31 6.94 -17.79
C ILE A 139 14.67 6.28 -17.57
N GLU A 140 15.09 5.44 -18.52
CA GLU A 140 16.36 4.71 -18.41
C GLU A 140 17.55 5.64 -18.14
N GLU A 141 17.62 6.72 -18.90
CA GLU A 141 18.67 7.72 -18.76
C GLU A 141 18.66 8.38 -17.40
N THR A 142 17.46 8.68 -16.89
CA THR A 142 17.33 9.27 -15.55
C THR A 142 17.81 8.29 -14.47
N VAL A 143 17.44 7.01 -14.59
CA VAL A 143 17.96 5.97 -13.68
C VAL A 143 19.47 5.90 -13.78
N GLN A 144 19.97 6.02 -15.01
CA GLN A 144 21.40 6.03 -15.26
C GLN A 144 22.11 7.25 -14.65
N ALA A 145 21.47 8.43 -14.74
CA ALA A 145 21.99 9.63 -14.10
C ALA A 145 22.15 9.40 -12.61
N PHE A 146 21.12 8.83 -11.99
CA PHE A 146 21.14 8.51 -10.56
C PHE A 146 22.30 7.59 -10.22
N GLN A 147 22.53 6.58 -11.06
CA GLN A 147 23.63 5.64 -10.84
C GLN A 147 24.98 6.33 -10.92
N ASN A 148 25.11 7.25 -11.89
CA ASN A 148 26.37 7.99 -12.07
C ASN A 148 26.61 8.93 -10.91
N GLY A 149 25.55 9.58 -10.45
CA GLY A 149 25.61 10.41 -9.26
C GLY A 149 26.17 9.65 -8.09
N ALA A 150 25.68 8.42 -7.92
CA ALA A 150 26.13 7.55 -6.84
C ALA A 150 27.60 7.18 -6.98
N ARG A 151 27.98 6.79 -8.19
CA ARG A 151 29.37 6.44 -8.52
C ARG A 151 30.28 7.60 -8.16
N ARG A 152 29.88 8.82 -8.51
CA ARG A 152 30.66 10.03 -8.22
C ARG A 152 30.74 10.32 -6.72
N ALA A 153 29.62 10.15 -6.02
CA ALA A 153 29.57 10.37 -4.58
C ALA A 153 30.49 9.40 -3.86
N LYS A 154 30.45 8.13 -4.26
CA LYS A 154 31.40 7.14 -3.76
C LYS A 154 32.81 7.62 -3.94
N GLU A 155 33.16 8.01 -5.17
CA GLU A 155 34.52 8.47 -5.50
C GLU A 155 34.89 9.73 -4.73
N ALA A 156 33.93 10.59 -4.43
CA ALA A 156 34.19 11.79 -3.63
C ALA A 156 34.38 11.48 -2.14
N GLY A 157 34.03 10.25 -1.72
CA GLY A 157 34.28 9.79 -0.36
C GLY A 157 33.14 10.01 0.62
N PHE A 158 31.92 10.20 0.12
CA PHE A 158 30.74 10.27 0.99
C PHE A 158 30.53 8.96 1.73
N ASP A 159 29.96 9.05 2.92
CA ASP A 159 29.70 7.87 3.76
C ASP A 159 28.30 7.32 3.56
N VAL A 160 27.39 8.19 3.16
CA VAL A 160 25.99 7.85 3.02
C VAL A 160 25.43 8.46 1.75
N ILE A 161 24.52 7.75 1.12
CA ILE A 161 23.79 8.26 -0.03
C ILE A 161 22.32 8.24 0.32
N GLU A 162 21.63 9.29 -0.09
CA GLU A 162 20.18 9.37 0.05
C GLU A 162 19.56 9.57 -1.32
N ILE A 163 18.69 8.64 -1.70
CA ILE A 163 17.90 8.82 -2.90
C ILE A 163 16.73 9.69 -2.52
N HIS A 164 16.61 10.86 -3.16
CA HIS A 164 15.59 11.83 -2.81
C HIS A 164 14.30 11.66 -3.62
N ALA A 165 13.30 11.09 -2.94
CA ALA A 165 12.01 10.77 -3.54
C ALA A 165 10.88 11.43 -2.74
N ALA A 166 11.11 12.68 -2.37
CA ALA A 166 10.19 13.40 -1.51
C ALA A 166 9.85 14.77 -2.08
N HIS A 167 8.96 15.47 -1.39
CA HIS A 167 8.65 16.88 -1.65
C HIS A 167 8.22 17.22 -3.08
N GLY A 168 7.44 16.32 -3.66
CA GLY A 168 6.84 16.54 -4.98
C GLY A 168 7.78 16.53 -6.16
N PHE A 169 9.01 16.08 -5.93
CA PHE A 169 10.05 16.04 -6.95
C PHE A 169 9.92 14.73 -7.73
N LEU A 170 10.76 14.55 -8.75
CA LEU A 170 10.57 13.52 -9.76
C LEU A 170 10.07 12.19 -9.21
N ILE A 171 10.88 11.52 -8.39
CA ILE A 171 10.53 10.16 -7.96
C ILE A 171 9.20 10.16 -7.22
N ASN A 172 9.03 11.13 -6.32
CA ASN A 172 7.76 11.34 -5.59
C ASN A 172 6.59 11.45 -6.56
N GLU A 173 6.82 12.10 -7.71
CA GLU A 173 5.78 12.29 -8.73
C GLU A 173 5.34 10.99 -9.39
N PHE A 174 6.28 10.06 -9.59
CA PHE A 174 5.92 8.72 -10.09
C PHE A 174 5.06 7.97 -9.08
N LEU A 175 5.42 8.08 -7.80
CA LEU A 175 4.75 7.36 -6.74
C LEU A 175 3.30 7.79 -6.56
N SER A 176 3.07 9.10 -6.57
CA SER A 176 1.72 9.65 -6.36
C SER A 176 0.86 9.62 -7.60
N PRO A 177 -0.37 9.06 -7.49
CA PRO A 177 -1.27 9.04 -8.64
C PRO A 177 -1.85 10.41 -9.00
N LEU A 178 -1.69 11.39 -8.12
CA LEU A 178 -2.04 12.77 -8.44
C LEU A 178 -1.24 13.20 -9.67
N SER A 179 0.06 12.89 -9.66
CA SER A 179 0.99 13.36 -10.68
C SER A 179 1.33 12.31 -11.75
N ASN A 180 1.18 11.03 -11.42
CA ASN A 180 1.46 9.92 -12.35
C ASN A 180 0.17 9.36 -12.93
N ARG A 181 -0.13 9.75 -14.17
CA ARG A 181 -1.32 9.33 -14.89
C ARG A 181 -0.97 8.36 -16.02
N ARG A 182 0.18 7.69 -15.91
CA ARG A 182 0.68 6.84 -17.00
C ARG A 182 -0.04 5.52 -17.07
N GLN A 183 -0.14 4.99 -18.29
CA GLN A 183 -0.81 3.73 -18.57
C GLN A 183 0.14 2.75 -19.21
N ASP A 184 1.37 2.73 -18.73
CA ASP A 184 2.29 1.67 -19.07
C ASP A 184 2.76 1.06 -17.77
N GLU A 185 3.77 0.21 -17.86
CA GLU A 185 4.43 -0.38 -16.69
C GLU A 185 4.86 0.59 -15.55
N TYR A 186 4.91 1.90 -15.81
CA TYR A 186 5.36 2.88 -14.81
C TYR A 186 4.26 3.63 -14.06
N GLY A 187 3.00 3.41 -14.42
CA GLY A 187 1.86 3.98 -13.71
C GLY A 187 0.69 3.03 -13.70
N GLY A 188 -0.41 3.42 -13.07
CA GLY A 188 -1.65 2.65 -13.13
C GLY A 188 -1.92 1.74 -11.96
N SER A 189 -0.87 1.23 -11.33
CA SER A 189 -1.03 0.35 -10.15
C SER A 189 0.02 0.66 -9.09
N PRO A 190 -0.24 0.28 -7.84
CA PRO A 190 0.72 0.50 -6.75
C PRO A 190 2.12 0.01 -7.07
N GLU A 191 2.21 -1.18 -7.66
CA GLU A 191 3.51 -1.76 -7.99
C GLU A 191 4.18 -1.02 -9.14
N ASN A 192 3.39 -0.54 -10.10
CA ASN A 192 3.92 0.20 -11.26
C ASN A 192 4.44 1.58 -10.88
N ARG A 193 3.73 2.26 -10.00
CA ARG A 193 4.15 3.59 -9.57
C ARG A 193 5.48 3.51 -8.79
N TYR A 194 5.65 2.44 -8.02
CA TYR A 194 6.89 2.17 -7.32
C TYR A 194 8.11 1.93 -8.22
N ARG A 195 7.88 1.32 -9.39
CA ARG A 195 8.98 0.81 -10.25
C ARG A 195 10.11 1.79 -10.52
N PHE A 196 9.79 3.07 -10.74
CA PHE A 196 10.82 4.05 -11.01
C PHE A 196 11.82 4.11 -9.86
N LEU A 197 11.31 4.33 -8.65
CA LEU A 197 12.13 4.31 -7.44
C LEU A 197 12.88 3.00 -7.33
N GLY A 198 12.17 1.88 -7.55
CA GLY A 198 12.76 0.55 -7.43
C GLY A 198 13.97 0.34 -8.31
N GLU A 199 13.88 0.79 -9.56
CA GLU A 199 15.00 0.68 -10.49
C GLU A 199 16.15 1.62 -10.11
N VAL A 200 15.84 2.76 -9.51
CA VAL A 200 16.86 3.68 -8.98
C VAL A 200 17.62 3.05 -7.80
N ILE A 201 16.89 2.41 -6.88
CA ILE A 201 17.51 1.74 -5.73
C ILE A 201 18.44 0.61 -6.21
N ASP A 202 17.96 -0.18 -7.17
CA ASP A 202 18.76 -1.23 -7.80
C ASP A 202 19.98 -0.63 -8.50
N ALA A 203 19.74 0.41 -9.29
CA ALA A 203 20.81 1.07 -10.06
C ALA A 203 21.89 1.66 -9.16
N VAL A 204 21.49 2.28 -8.06
CA VAL A 204 22.45 2.80 -7.09
C VAL A 204 23.18 1.68 -6.38
N ARG A 205 22.44 0.64 -5.99
CA ARG A 205 23.02 -0.51 -5.26
C ARG A 205 24.03 -1.32 -6.08
N GLU A 206 23.98 -1.21 -7.42
CA GLU A 206 24.99 -1.82 -8.27
C GLU A 206 26.38 -1.23 -8.05
N VAL A 207 26.42 0.08 -7.84
CA VAL A 207 27.70 0.80 -7.75
C VAL A 207 28.07 1.23 -6.33
N TRP A 208 27.22 0.93 -5.35
CA TRP A 208 27.35 1.47 -4.00
C TRP A 208 26.80 0.49 -2.98
N ASP A 209 27.67 0.01 -2.10
CA ASP A 209 27.28 -0.97 -1.06
C ASP A 209 27.15 -0.34 0.33
N GLY A 210 27.43 0.96 0.45
CA GLY A 210 27.39 1.65 1.72
C GLY A 210 25.98 1.96 2.20
N PRO A 211 25.87 2.66 3.34
CA PRO A 211 24.59 3.12 3.89
C PRO A 211 23.74 3.89 2.88
N LEU A 212 22.45 3.56 2.80
CA LEU A 212 21.57 4.10 1.78
C LEU A 212 20.25 4.55 2.39
N PHE A 213 19.98 5.85 2.33
CA PHE A 213 18.73 6.42 2.80
C PHE A 213 17.83 6.63 1.60
N VAL A 214 16.54 6.69 1.87
CA VAL A 214 15.57 7.15 0.88
C VAL A 214 14.63 8.14 1.56
N ALA A 215 14.55 9.34 0.99
CA ALA A 215 13.63 10.37 1.47
C ALA A 215 12.26 10.19 0.83
N ILE A 216 11.21 10.20 1.64
CA ILE A 216 9.85 10.16 1.11
C ILE A 216 8.97 11.24 1.71
N SER A 217 7.85 11.49 1.05
CA SER A 217 6.78 12.31 1.60
C SER A 217 5.66 11.35 1.89
N ALA A 218 5.49 11.00 3.17
CA ALA A 218 4.56 9.94 3.57
C ALA A 218 3.09 10.29 3.33
N SER A 219 2.80 11.58 3.11
CA SER A 219 1.43 12.01 2.83
C SER A 219 1.36 13.16 1.84
N ASP A 220 0.40 13.05 0.93
CA ASP A 220 0.15 14.06 -0.08
C ASP A 220 -0.82 15.12 0.44
N TYR A 221 -1.45 14.86 1.58
CA TYR A 221 -2.45 15.76 2.16
C TYR A 221 -3.53 16.09 1.15
N HIS A 222 -4.07 15.05 0.51
CA HIS A 222 -5.07 15.20 -0.53
C HIS A 222 -5.96 13.96 -0.57
N PRO A 223 -7.29 14.14 -0.59
CA PRO A 223 -8.22 13.01 -0.56
C PRO A 223 -7.88 11.89 -1.55
N ASP A 224 -7.50 12.25 -2.77
CA ASP A 224 -7.15 11.27 -3.81
C ASP A 224 -5.67 10.92 -3.90
N GLY A 225 -4.88 11.43 -2.96
CA GLY A 225 -3.44 11.20 -2.94
C GLY A 225 -3.05 10.10 -1.97
N LEU A 226 -1.74 9.92 -1.77
CA LEU A 226 -1.23 8.87 -0.90
C LEU A 226 -1.23 9.28 0.57
N THR A 227 -1.31 8.27 1.43
CA THR A 227 -1.16 8.44 2.87
C THR A 227 -0.06 7.47 3.35
N ALA A 228 0.38 7.67 4.59
CA ALA A 228 1.46 6.87 5.17
C ALA A 228 1.21 5.35 5.12
N LYS A 229 -0.06 4.94 5.09
CA LYS A 229 -0.44 3.53 4.86
C LYS A 229 0.23 3.03 3.58
N ASP A 230 0.12 3.85 2.52
CA ASP A 230 0.58 3.48 1.20
C ASP A 230 2.09 3.26 1.13
N TYR A 231 2.85 3.96 1.97
CA TYR A 231 4.31 3.79 1.97
C TYR A 231 4.79 2.60 2.81
N VAL A 232 3.87 1.87 3.44
CA VAL A 232 4.25 0.67 4.21
C VAL A 232 4.65 -0.49 3.28
N PRO A 233 3.81 -0.81 2.28
CA PRO A 233 4.29 -1.79 1.30
C PRO A 233 5.62 -1.34 0.65
N TYR A 234 5.64 -0.08 0.21
CA TYR A 234 6.85 0.49 -0.42
C TYR A 234 8.08 0.41 0.47
N ALA A 235 7.91 0.63 1.77
CA ALA A 235 9.04 0.55 2.70
C ALA A 235 9.48 -0.89 2.88
N LYS A 236 8.54 -1.82 2.90
CA LYS A 236 8.86 -3.25 2.94
C LYS A 236 9.69 -3.65 1.72
N ARG A 237 9.29 -3.10 0.57
CA ARG A 237 9.99 -3.31 -0.68
C ARG A 237 11.40 -2.72 -0.62
N MET A 238 11.50 -1.47 -0.19
CA MET A 238 12.78 -0.79 0.01
C MET A 238 13.73 -1.61 0.89
N LYS A 239 13.18 -2.22 1.94
CA LYS A 239 13.98 -3.03 2.87
C LYS A 239 14.65 -4.19 2.12
N GLU A 240 13.87 -4.93 1.35
CA GLU A 240 14.38 -6.05 0.54
C GLU A 240 15.41 -5.56 -0.46
N GLN A 241 15.17 -4.39 -1.05
CA GLN A 241 16.08 -3.85 -2.05
C GLN A 241 17.38 -3.30 -1.44
N GLY A 242 17.49 -3.32 -0.12
CA GLY A 242 18.75 -2.98 0.56
C GLY A 242 18.79 -1.58 1.16
N VAL A 243 17.66 -0.87 1.15
CA VAL A 243 17.62 0.47 1.75
C VAL A 243 17.72 0.31 3.27
N ASP A 244 18.62 1.07 3.87
CA ASP A 244 18.97 0.89 5.28
C ASP A 244 18.07 1.69 6.21
N LEU A 245 17.64 2.87 5.78
CA LEU A 245 16.81 3.77 6.58
C LEU A 245 15.92 4.61 5.67
N VAL A 246 14.78 5.04 6.20
CA VAL A 246 13.86 5.90 5.47
C VAL A 246 13.73 7.25 6.14
N ASP A 247 14.06 8.29 5.39
CA ASP A 247 13.98 9.65 5.84
C ASP A 247 12.55 10.11 5.58
N VAL A 248 11.75 10.17 6.63
CA VAL A 248 10.30 10.35 6.50
C VAL A 248 9.87 11.78 6.79
N SER A 249 9.65 12.55 5.72
CA SER A 249 8.99 13.83 5.81
C SER A 249 7.61 13.67 5.16
N SER A 250 7.03 14.76 4.67
CA SER A 250 5.73 14.70 4.01
C SER A 250 5.47 15.89 3.07
N GLY A 251 4.37 15.81 2.34
CA GLY A 251 3.81 16.95 1.63
C GLY A 251 4.54 17.42 0.39
N ALA A 252 4.04 18.52 -0.16
CA ALA A 252 4.64 19.28 -1.28
C ALA A 252 4.46 18.66 -2.68
N ILE A 253 3.65 17.61 -2.81
CA ILE A 253 3.41 17.00 -4.14
C ILE A 253 2.51 17.89 -5.01
N VAL A 254 1.44 18.41 -4.40
CA VAL A 254 0.56 19.41 -5.01
C VAL A 254 0.27 20.44 -3.93
N PRO A 255 -0.22 21.64 -4.30
CA PRO A 255 -0.53 22.59 -3.24
C PRO A 255 -1.55 21.99 -2.31
N ALA A 256 -1.33 22.15 -1.00
CA ALA A 256 -2.24 21.62 0.00
C ALA A 256 -2.17 22.33 1.33
N ARG A 257 -3.29 22.29 2.05
CA ARG A 257 -3.34 22.71 3.45
C ARG A 257 -2.48 21.78 4.28
N MET A 258 -1.67 22.34 5.17
CA MET A 258 -0.88 21.55 6.12
C MET A 258 -0.93 22.08 7.54
N ASN A 259 -1.48 21.30 8.46
CA ASN A 259 -1.38 21.64 9.87
C ASN A 259 0.04 21.32 10.36
N VAL A 260 0.79 22.35 10.74
CA VAL A 260 2.17 22.21 11.20
C VAL A 260 2.28 22.57 12.69
N TYR A 261 2.99 21.71 13.42
CA TYR A 261 3.15 21.85 14.86
C TYR A 261 4.30 20.93 15.25
N PRO A 262 4.77 21.00 16.50
CA PRO A 262 5.88 20.13 16.97
C PRO A 262 5.72 18.64 16.67
N GLY A 263 6.75 18.05 16.06
CA GLY A 263 6.77 16.61 15.74
C GLY A 263 5.58 16.12 14.94
N TYR A 264 5.11 16.97 14.01
CA TYR A 264 3.92 16.68 13.21
C TYR A 264 4.12 15.58 12.17
N GLN A 265 5.37 15.22 11.91
CA GLN A 265 5.69 14.13 10.98
C GLN A 265 6.24 12.90 11.69
N VAL A 266 6.20 12.90 13.02
CA VAL A 266 6.73 11.78 13.79
C VAL A 266 5.89 10.51 13.60
N PRO A 267 4.54 10.63 13.65
CA PRO A 267 3.72 9.42 13.51
C PRO A 267 3.89 8.75 12.15
N PHE A 268 4.22 9.52 11.11
CA PHE A 268 4.55 8.93 9.81
C PHE A 268 5.80 8.08 9.97
N ALA A 269 6.84 8.68 10.55
CA ALA A 269 8.13 8.01 10.76
C ALA A 269 8.03 6.73 11.61
N GLU A 270 7.04 6.69 12.48
CA GLU A 270 6.83 5.54 13.37
C GLU A 270 6.01 4.42 12.71
N LEU A 271 4.97 4.81 11.98
CA LEU A 271 4.15 3.84 11.27
C LEU A 271 5.02 3.03 10.31
N ILE A 272 5.80 3.71 9.46
CA ILE A 272 6.70 3.04 8.53
C ILE A 272 7.71 2.19 9.30
N ARG A 273 8.20 2.72 10.41
CA ARG A 273 9.17 2.01 11.25
C ARG A 273 8.66 0.66 11.78
N ARG A 274 7.51 0.68 12.42
CA ARG A 274 6.96 -0.52 13.06
C ARG A 274 6.36 -1.49 12.05
N GLU A 275 5.58 -0.94 11.12
CA GLU A 275 4.82 -1.74 10.18
C GLU A 275 5.70 -2.37 9.09
N ALA A 276 6.71 -1.63 8.63
CA ALA A 276 7.65 -2.18 7.60
C ALA A 276 8.88 -2.84 8.22
N ASP A 277 9.07 -2.65 9.53
CA ASP A 277 10.22 -3.17 10.27
C ASP A 277 11.53 -2.64 9.68
N ILE A 278 11.58 -1.35 9.41
CA ILE A 278 12.74 -0.69 8.80
C ILE A 278 13.17 0.53 9.62
N PRO A 279 14.48 0.77 9.77
CA PRO A 279 14.85 1.99 10.48
C PRO A 279 14.32 3.27 9.82
N THR A 280 13.90 4.24 10.63
CA THR A 280 13.43 5.53 10.09
C THR A 280 14.09 6.74 10.74
N GLY A 281 14.05 7.86 10.02
CA GLY A 281 14.47 9.15 10.53
C GLY A 281 13.31 10.12 10.59
N ALA A 282 13.07 10.66 11.77
CA ALA A 282 11.98 11.63 11.97
C ALA A 282 12.51 13.01 11.71
N VAL A 283 11.64 13.87 11.23
CA VAL A 283 12.03 15.25 10.96
C VAL A 283 10.85 16.21 11.12
N GLY A 284 11.18 17.49 11.26
CA GLY A 284 10.20 18.57 11.22
C GLY A 284 9.86 19.04 12.61
N LEU A 285 10.21 20.30 12.89
CA LEU A 285 9.97 20.93 14.19
C LEU A 285 10.33 20.03 15.38
N ILE A 286 11.63 19.78 15.51
CA ILE A 286 12.18 19.13 16.69
C ILE A 286 13.08 20.14 17.41
N THR A 287 12.46 20.96 18.26
CA THR A 287 13.15 22.10 18.90
C THR A 287 14.19 21.68 19.92
N SER A 288 13.74 21.00 20.97
CA SER A 288 14.58 20.70 22.12
C SER A 288 15.26 19.33 22.06
N GLY A 289 16.23 19.15 22.96
CA GLY A 289 16.88 17.86 23.18
C GLY A 289 15.97 16.88 23.87
N TRP A 290 15.11 17.40 24.74
CA TRP A 290 14.07 16.61 25.42
C TRP A 290 13.17 15.89 24.43
N GLN A 291 12.70 16.65 23.44
CA GLN A 291 11.75 16.15 22.46
C GLN A 291 12.36 15.08 21.57
N ALA A 292 13.63 15.27 21.21
CA ALA A 292 14.39 14.31 20.41
C ALA A 292 14.60 13.00 21.18
N GLU A 293 14.82 13.13 22.48
CA GLU A 293 15.04 11.97 23.34
C GLU A 293 13.80 11.09 23.42
N GLU A 294 12.62 11.71 23.48
CA GLU A 294 11.37 10.95 23.56
C GLU A 294 11.13 10.15 22.30
N ILE A 295 11.49 10.73 21.16
CA ILE A 295 11.29 10.09 19.87
C ILE A 295 12.08 8.80 19.80
N LEU A 296 13.36 8.88 20.19
CA LEU A 296 14.27 7.72 20.16
C LEU A 296 13.91 6.65 21.19
N GLN A 297 13.58 7.12 22.38
CA GLN A 297 13.27 6.25 23.50
C GLN A 297 11.96 5.52 23.36
N ASN A 298 10.99 6.08 22.64
CA ASN A 298 9.71 5.41 22.43
C ASN A 298 9.60 4.73 21.06
N GLY A 299 10.75 4.44 20.44
CA GLY A 299 10.78 3.71 19.18
C GLY A 299 9.98 4.34 18.04
N ARG A 300 9.94 5.67 18.01
CA ARG A 300 9.21 6.41 16.97
C ARG A 300 10.10 6.59 15.75
N ALA A 301 11.40 6.73 15.99
CA ALA A 301 12.41 6.77 14.92
C ALA A 301 13.76 6.30 15.45
N ASP A 302 14.78 6.22 14.60
CA ASP A 302 16.12 5.81 15.02
C ASP A 302 17.14 6.94 14.94
N LEU A 303 16.86 7.92 14.09
CA LEU A 303 17.65 9.14 14.01
C LEU A 303 16.71 10.31 13.95
N VAL A 304 17.08 11.42 14.60
CA VAL A 304 16.31 12.65 14.46
C VAL A 304 17.01 13.53 13.44
N PHE A 305 16.27 13.91 12.40
CA PHE A 305 16.81 14.74 11.36
C PHE A 305 16.46 16.18 11.74
N LEU A 306 17.40 17.10 11.57
CA LEU A 306 17.18 18.49 11.94
C LEU A 306 17.28 19.43 10.74
N GLY A 307 16.50 20.50 10.77
CA GLY A 307 16.43 21.42 9.65
C GLY A 307 16.82 22.83 10.05
N ALA A 308 15.86 23.74 10.08
CA ALA A 308 16.09 25.10 10.52
C ALA A 308 16.82 25.17 11.86
N GLU A 309 16.50 24.25 12.78
CA GLU A 309 17.16 24.18 14.09
C GLU A 309 18.70 24.31 13.97
N LEU A 310 19.26 23.66 12.95
CA LEU A 310 20.69 23.70 12.68
C LEU A 310 21.13 24.92 11.86
N LEU A 311 20.20 25.55 11.15
CA LEU A 311 20.46 26.85 10.55
C LEU A 311 20.48 27.92 11.65
N ARG A 312 19.60 27.76 12.64
CA ARG A 312 19.52 28.70 13.76
C ARG A 312 20.69 28.53 14.72
N ASN A 313 21.11 27.28 14.93
CA ASN A 313 22.32 26.99 15.69
C ASN A 313 23.07 25.80 15.14
N PRO A 314 24.26 26.04 14.54
CA PRO A 314 25.03 24.91 14.03
C PRO A 314 25.57 24.02 15.15
N TYR A 315 25.67 24.54 16.37
CA TYR A 315 26.17 23.78 17.53
C TYR A 315 25.01 23.33 18.43
N TRP A 316 23.89 23.01 17.80
CA TRP A 316 22.69 22.60 18.50
C TRP A 316 22.94 21.39 19.38
N PRO A 317 23.78 20.43 18.92
CA PRO A 317 24.04 19.26 19.77
C PRO A 317 24.62 19.62 21.14
N TYR A 318 25.49 20.62 21.19
CA TYR A 318 26.04 21.10 22.45
C TYR A 318 24.93 21.66 23.33
N ALA A 319 24.07 22.48 22.74
CA ALA A 319 22.89 23.00 23.44
C ALA A 319 22.02 21.89 23.99
N ALA A 320 21.76 20.89 23.16
CA ALA A 320 20.93 19.76 23.57
C ALA A 320 21.60 18.95 24.67
N ALA A 321 22.92 18.75 24.57
CA ALA A 321 23.66 17.99 25.58
C ALA A 321 23.73 18.70 26.93
N ARG A 322 23.72 20.03 26.93
CA ARG A 322 23.58 20.81 28.17
C ARG A 322 22.18 20.60 28.75
N GLU A 323 21.18 20.76 27.90
CA GLU A 323 19.79 20.55 28.28
C GLU A 323 19.52 19.15 28.86
N LEU A 324 20.18 18.13 28.31
CA LEU A 324 20.03 16.75 28.81
C LEU A 324 21.07 16.34 29.84
N GLY A 325 22.02 17.23 30.13
CA GLY A 325 23.12 16.89 31.04
C GLY A 325 23.89 15.68 30.56
N ALA A 326 24.25 15.67 29.29
CA ALA A 326 25.05 14.59 28.68
C ALA A 326 26.48 15.03 28.41
N LYS A 327 27.40 14.06 28.43
CA LYS A 327 28.80 14.31 28.13
C LYS A 327 29.01 14.10 26.64
N ILE A 328 29.55 15.10 25.93
CA ILE A 328 29.94 14.93 24.52
C ILE A 328 31.31 15.52 24.25
N SER A 329 31.97 15.03 23.20
CA SER A 329 33.31 15.48 22.84
C SER A 329 33.28 16.85 22.18
N ALA A 330 33.97 17.80 22.79
CA ALA A 330 34.16 19.11 22.21
C ALA A 330 35.41 19.05 21.37
N PRO A 331 35.41 19.76 20.23
CA PRO A 331 36.71 19.94 19.57
C PRO A 331 37.69 20.45 20.61
N VAL A 332 38.95 20.03 20.52
CA VAL A 332 39.94 20.34 21.57
C VAL A 332 40.08 21.85 21.81
N GLN A 333 39.88 22.64 20.76
CA GLN A 333 39.95 24.11 20.83
C GLN A 333 38.85 24.72 21.68
N TYR A 334 37.71 24.04 21.79
CA TYR A 334 36.58 24.54 22.55
C TYR A 334 36.32 23.77 23.87
N GLU A 335 37.23 22.87 24.25
CA GLU A 335 37.03 22.06 25.46
C GLU A 335 36.73 22.95 26.67
N ARG A 336 37.67 23.84 26.99
CA ARG A 336 37.52 24.74 28.13
C ARG A 336 36.32 25.69 27.95
N GLY A 337 36.06 26.12 26.71
CA GLY A 337 34.93 26.98 26.41
C GLY A 337 33.57 26.32 26.65
N TRP A 338 33.49 25.04 26.29
CA TRP A 338 32.29 24.25 26.56
C TRP A 338 32.26 23.71 28.00
N ARG A 339 32.93 24.35 28.95
CA ARG A 339 32.89 23.97 30.38
C ARG A 339 31.67 23.14 30.77
N PHE A 340 31.89 21.85 31.09
CA PHE A 340 30.80 20.93 31.42
C PHE A 340 30.52 20.85 32.93
N MET B 1 -40.43 8.32 1.16
CA MET B 1 -39.58 8.65 -0.01
C MET B 1 -38.11 8.24 0.18
N ASN B 2 -37.52 8.54 1.34
CA ASN B 2 -36.06 8.59 1.49
C ASN B 2 -35.45 7.53 2.44
N THR B 3 -34.98 6.41 1.89
CA THR B 3 -34.48 5.29 2.70
C THR B 3 -32.97 5.12 2.64
N MET B 4 -32.45 4.22 3.48
CA MET B 4 -31.02 3.94 3.54
C MET B 4 -30.61 2.85 2.54
N LEU B 5 -31.43 1.81 2.43
CA LEU B 5 -31.23 0.75 1.45
C LEU B 5 -30.91 1.26 0.05
N PHE B 6 -31.63 2.29 -0.39
CA PHE B 6 -31.39 2.87 -1.71
C PHE B 6 -30.62 4.18 -1.62
N SER B 7 -29.55 4.19 -0.82
CA SER B 7 -28.69 5.35 -0.69
C SER B 7 -27.33 4.99 -1.27
N PRO B 8 -26.62 5.98 -1.84
CA PRO B 8 -25.29 5.62 -2.36
C PRO B 8 -24.33 5.14 -1.26
N TYR B 9 -23.26 4.48 -1.68
CA TYR B 9 -22.21 4.01 -0.79
C TYR B 9 -20.88 4.00 -1.53
N THR B 10 -19.95 4.84 -1.10
CA THR B 10 -18.70 5.00 -1.82
C THR B 10 -17.61 4.17 -1.15
N ILE B 11 -16.92 3.36 -1.94
CA ILE B 11 -15.74 2.64 -1.48
C ILE B 11 -14.59 3.09 -2.35
N ARG B 12 -13.58 3.70 -1.75
CA ARG B 12 -12.41 4.14 -2.51
C ARG B 12 -12.72 4.76 -3.86
N GLY B 13 -13.58 5.78 -3.91
CA GLY B 13 -13.86 6.44 -5.17
C GLY B 13 -14.89 5.77 -6.08
N LEU B 14 -15.19 4.49 -5.84
CA LEU B 14 -16.29 3.81 -6.53
C LEU B 14 -17.58 4.02 -5.76
N THR B 15 -18.62 4.53 -6.42
CA THR B 15 -19.87 4.80 -5.73
C THR B 15 -20.95 3.84 -6.24
N LEU B 16 -21.56 3.13 -5.31
CA LEU B 16 -22.61 2.19 -5.63
C LEU B 16 -23.93 2.93 -5.53
N LYS B 17 -24.85 2.69 -6.45
CA LYS B 17 -26.12 3.41 -6.44
C LYS B 17 -26.98 3.07 -5.22
N ASN B 18 -26.85 1.85 -4.71
CA ASN B 18 -27.57 1.38 -3.52
C ASN B 18 -26.75 0.36 -2.74
N ARG B 19 -27.30 -0.12 -1.62
CA ARG B 19 -26.59 -1.05 -0.73
C ARG B 19 -26.88 -2.52 -1.07
N ILE B 20 -27.56 -2.74 -2.18
CA ILE B 20 -27.89 -4.10 -2.58
C ILE B 20 -26.69 -4.65 -3.37
N VAL B 21 -26.37 -5.91 -3.07
CA VAL B 21 -25.23 -6.60 -3.67
C VAL B 21 -25.68 -8.03 -3.93
N MET B 22 -25.27 -8.58 -5.06
CA MET B 22 -25.47 -9.99 -5.35
C MET B 22 -24.25 -10.75 -4.85
N SER B 23 -24.47 -11.73 -3.99
CA SER B 23 -23.40 -12.62 -3.55
C SER B 23 -22.90 -13.50 -4.69
N PRO B 24 -21.64 -13.95 -4.59
CA PRO B 24 -21.16 -14.95 -5.53
C PRO B 24 -21.85 -16.29 -5.30
N MET B 25 -22.44 -16.85 -6.35
CA MET B 25 -23.09 -18.14 -6.30
C MET B 25 -22.75 -18.92 -7.56
N CYS B 26 -22.05 -20.04 -7.38
CA CYS B 26 -21.57 -20.85 -8.49
C CYS B 26 -22.72 -21.40 -9.32
N MET B 27 -22.60 -21.27 -10.63
CA MET B 27 -23.64 -21.64 -11.58
C MET B 27 -23.32 -22.93 -12.35
N TYR B 28 -22.09 -23.45 -12.21
CA TYR B 28 -21.72 -24.73 -12.80
C TYR B 28 -22.10 -24.83 -14.28
N SER B 29 -21.84 -23.77 -15.04
CA SER B 29 -22.31 -23.64 -16.41
C SER B 29 -21.20 -23.34 -17.42
N CYS B 30 -19.95 -23.59 -17.06
CA CYS B 30 -18.88 -23.62 -18.05
C CYS B 30 -18.82 -25.02 -18.62
N ASP B 31 -19.71 -25.29 -19.58
CA ASP B 31 -19.79 -26.59 -20.24
C ASP B 31 -18.50 -26.92 -21.00
N THR B 32 -17.81 -25.90 -21.50
CA THR B 32 -16.54 -26.13 -22.19
C THR B 32 -15.40 -26.52 -21.24
N LYS B 33 -15.66 -26.54 -19.94
CA LYS B 33 -14.72 -27.07 -18.94
C LYS B 33 -13.32 -26.46 -18.99
N ASP B 34 -13.25 -25.18 -19.34
CA ASP B 34 -11.97 -24.47 -19.56
C ASP B 34 -11.93 -23.10 -18.83
N GLY B 35 -12.85 -22.91 -17.89
CA GLY B 35 -13.01 -21.63 -17.20
C GLY B 35 -13.61 -20.52 -18.04
N ALA B 36 -14.15 -20.85 -19.21
CA ALA B 36 -14.60 -19.83 -20.14
C ALA B 36 -15.96 -19.29 -19.73
N VAL B 37 -16.17 -18.00 -19.99
CA VAL B 37 -17.47 -17.36 -19.80
C VAL B 37 -18.36 -17.84 -20.94
N ARG B 38 -19.65 -17.98 -20.64
CA ARG B 38 -20.57 -18.66 -21.54
C ARG B 38 -21.86 -17.91 -21.73
N THR B 39 -22.72 -18.42 -22.61
CA THR B 39 -24.02 -17.80 -22.87
C THR B 39 -24.76 -17.67 -21.54
N TRP B 40 -24.79 -18.74 -20.74
CA TRP B 40 -25.51 -18.71 -19.48
C TRP B 40 -25.18 -17.50 -18.62
N HIS B 41 -23.89 -17.22 -18.49
CA HIS B 41 -23.38 -16.17 -17.62
C HIS B 41 -23.75 -14.78 -18.16
N LYS B 42 -23.79 -14.67 -19.49
CA LYS B 42 -24.14 -13.41 -20.15
C LYS B 42 -25.63 -13.05 -20.07
N ILE B 43 -26.48 -14.02 -19.73
CA ILE B 43 -27.89 -13.79 -19.44
C ILE B 43 -28.09 -13.60 -17.94
N HIS B 44 -27.51 -14.51 -17.18
CA HIS B 44 -27.68 -14.60 -15.73
C HIS B 44 -27.29 -13.33 -14.99
N TYR B 45 -26.11 -12.83 -15.26
CA TYR B 45 -25.56 -11.72 -14.48
C TYR B 45 -26.11 -10.34 -14.85
N PRO B 46 -26.33 -10.05 -16.15
CA PRO B 46 -26.91 -8.75 -16.47
C PRO B 46 -28.40 -8.63 -16.17
N ALA B 47 -29.08 -9.75 -15.97
CA ALA B 47 -30.48 -9.72 -15.59
C ALA B 47 -30.65 -9.02 -14.25
N ARG B 48 -29.74 -9.30 -13.32
CA ARG B 48 -29.75 -8.67 -12.00
C ARG B 48 -29.34 -7.21 -12.08
N ALA B 49 -28.50 -6.89 -13.07
CA ALA B 49 -28.09 -5.51 -13.30
C ALA B 49 -29.28 -4.68 -13.75
N VAL B 50 -30.03 -5.22 -14.71
CA VAL B 50 -31.26 -4.60 -15.21
C VAL B 50 -32.26 -4.37 -14.07
N GLY B 51 -32.38 -5.36 -13.19
CA GLY B 51 -33.19 -5.21 -11.99
C GLY B 51 -32.60 -4.33 -10.89
N GLN B 52 -31.64 -3.47 -11.23
CA GLN B 52 -31.13 -2.40 -10.35
C GLN B 52 -30.29 -2.82 -9.15
N VAL B 53 -29.73 -4.04 -9.21
CA VAL B 53 -28.76 -4.42 -8.20
C VAL B 53 -27.55 -3.51 -8.39
N GLY B 54 -27.05 -2.97 -7.28
CA GLY B 54 -25.99 -1.96 -7.29
C GLY B 54 -24.61 -2.53 -7.51
N LEU B 55 -24.36 -3.71 -6.96
CA LEU B 55 -23.08 -4.39 -7.11
C LEU B 55 -23.29 -5.89 -7.28
N ILE B 56 -22.75 -6.45 -8.35
CA ILE B 56 -22.92 -7.86 -8.67
C ILE B 56 -21.57 -8.55 -8.61
N ILE B 57 -21.39 -9.43 -7.63
CA ILE B 57 -20.16 -10.20 -7.51
C ILE B 57 -20.32 -11.52 -8.28
N VAL B 58 -19.45 -11.69 -9.28
CA VAL B 58 -19.46 -12.89 -10.11
C VAL B 58 -19.00 -14.07 -9.26
N GLU B 59 -19.50 -15.26 -9.59
CA GLU B 59 -19.24 -16.47 -8.81
C GLU B 59 -17.77 -16.77 -8.55
N ALA B 60 -17.54 -17.62 -7.56
CA ALA B 60 -16.20 -18.07 -7.22
C ALA B 60 -15.50 -18.48 -8.50
N THR B 61 -14.43 -17.78 -8.84
CA THR B 61 -13.68 -18.04 -10.06
C THR B 61 -12.29 -18.57 -9.73
N GLY B 62 -11.95 -19.73 -10.29
CA GLY B 62 -10.78 -20.49 -9.88
C GLY B 62 -9.47 -19.89 -10.37
N VAL B 63 -8.58 -19.57 -9.44
CA VAL B 63 -7.29 -18.97 -9.79
C VAL B 63 -6.34 -19.99 -10.42
N THR B 64 -6.61 -21.28 -10.18
CA THR B 64 -5.94 -22.37 -10.88
C THR B 64 -7.00 -23.43 -11.20
N PRO B 65 -6.74 -24.29 -12.21
CA PRO B 65 -7.70 -25.38 -12.52
C PRO B 65 -7.88 -26.37 -11.38
N GLN B 66 -6.82 -26.57 -10.60
CA GLN B 66 -6.87 -27.28 -9.33
C GLN B 66 -7.85 -26.66 -8.33
N GLY B 67 -7.84 -25.33 -8.24
CA GLY B 67 -8.67 -24.60 -7.29
C GLY B 67 -10.12 -24.35 -7.71
N ARG B 68 -10.58 -25.03 -8.74
CA ARG B 68 -11.99 -25.02 -9.07
C ARG B 68 -12.72 -25.98 -8.14
N ILE B 69 -13.97 -25.65 -7.84
CA ILE B 69 -14.81 -26.56 -7.11
C ILE B 69 -15.17 -27.73 -8.01
N SER B 70 -15.67 -27.40 -9.20
CA SER B 70 -16.06 -28.38 -10.21
C SER B 70 -15.43 -28.01 -11.54
N GLU B 71 -15.48 -28.95 -12.49
CA GLU B 71 -14.95 -28.73 -13.83
C GLU B 71 -15.74 -27.67 -14.60
N ARG B 72 -17.00 -27.48 -14.21
CA ARG B 72 -17.90 -26.58 -14.93
C ARG B 72 -17.88 -25.15 -14.35
N ASP B 73 -16.87 -24.83 -13.55
CA ASP B 73 -16.70 -23.49 -12.97
C ASP B 73 -16.03 -22.51 -13.92
N LEU B 74 -16.17 -21.24 -13.57
CA LEU B 74 -15.40 -20.18 -14.21
C LEU B 74 -13.96 -20.20 -13.71
N GLY B 75 -13.06 -19.72 -14.57
CA GLY B 75 -11.62 -19.67 -14.28
C GLY B 75 -10.99 -18.33 -14.66
N ILE B 76 -9.85 -18.05 -14.03
CA ILE B 76 -9.08 -16.84 -14.33
C ILE B 76 -7.57 -17.13 -14.22
N TRP B 77 -7.18 -18.35 -14.60
CA TRP B 77 -5.79 -18.77 -14.50
C TRP B 77 -5.01 -18.46 -15.76
N SER B 78 -5.66 -17.88 -16.76
CA SER B 78 -5.02 -17.67 -18.06
C SER B 78 -5.40 -16.31 -18.61
N ASP B 79 -4.52 -15.73 -19.40
CA ASP B 79 -4.84 -14.48 -20.07
C ASP B 79 -5.93 -14.68 -21.13
N ASP B 80 -6.11 -15.90 -21.60
CA ASP B 80 -7.23 -16.23 -22.49
C ASP B 80 -8.62 -15.94 -21.86
N HIS B 81 -8.71 -15.98 -20.53
CA HIS B 81 -9.96 -15.68 -19.84
C HIS B 81 -10.36 -14.20 -19.86
N ILE B 82 -9.39 -13.32 -20.09
CA ILE B 82 -9.64 -11.88 -19.99
C ILE B 82 -10.73 -11.38 -20.96
N ALA B 83 -10.76 -11.93 -22.17
CA ALA B 83 -11.71 -11.49 -23.20
C ALA B 83 -13.14 -11.85 -22.84
N GLY B 84 -13.36 -13.11 -22.47
CA GLY B 84 -14.68 -13.57 -22.02
C GLY B 84 -15.17 -12.74 -20.86
N LEU B 85 -14.32 -12.58 -19.85
CA LEU B 85 -14.64 -11.78 -18.68
C LEU B 85 -14.87 -10.30 -19.02
N ARG B 86 -14.07 -9.74 -19.92
CA ARG B 86 -14.23 -8.32 -20.27
C ARG B 86 -15.60 -8.05 -20.90
N GLU B 87 -16.11 -9.04 -21.63
CA GLU B 87 -17.43 -8.91 -22.23
C GLU B 87 -18.51 -8.93 -21.16
N LEU B 88 -18.39 -9.86 -20.23
CA LEU B 88 -19.33 -9.98 -19.12
C LEU B 88 -19.37 -8.69 -18.33
N VAL B 89 -18.19 -8.12 -18.08
CA VAL B 89 -18.09 -6.81 -17.42
C VAL B 89 -18.88 -5.77 -18.21
N GLY B 90 -18.68 -5.73 -19.51
CA GLY B 90 -19.39 -4.81 -20.39
C GLY B 90 -20.90 -4.95 -20.31
N LEU B 91 -21.38 -6.19 -20.32
CA LEU B 91 -22.81 -6.48 -20.31
C LEU B 91 -23.47 -6.13 -18.98
N VAL B 92 -22.72 -6.20 -17.88
CA VAL B 92 -23.28 -5.87 -16.57
C VAL B 92 -23.26 -4.38 -16.32
N LYS B 93 -22.14 -3.73 -16.68
CA LYS B 93 -22.00 -2.30 -16.43
C LYS B 93 -22.91 -1.51 -17.36
N GLU B 94 -23.03 -1.97 -18.60
CA GLU B 94 -23.90 -1.34 -19.59
C GLU B 94 -25.25 -1.02 -18.96
N HIS B 95 -25.80 -1.97 -18.20
CA HIS B 95 -27.14 -1.84 -17.61
C HIS B 95 -27.17 -1.33 -16.16
N GLY B 96 -26.22 -0.45 -15.80
CA GLY B 96 -26.28 0.31 -14.53
C GLY B 96 -25.41 -0.16 -13.36
N ALA B 97 -25.29 -1.48 -13.20
CA ALA B 97 -24.64 -2.08 -12.03
C ALA B 97 -23.13 -1.97 -12.04
N ALA B 98 -22.53 -2.00 -10.86
CA ALA B 98 -21.08 -2.22 -10.73
C ALA B 98 -20.84 -3.71 -10.69
N ILE B 99 -19.62 -4.13 -10.99
CA ILE B 99 -19.31 -5.55 -11.01
C ILE B 99 -18.02 -5.88 -10.27
N GLY B 100 -18.08 -7.00 -9.56
CA GLY B 100 -16.92 -7.54 -8.85
C GLY B 100 -16.73 -8.99 -9.21
N ILE B 101 -15.69 -9.60 -8.66
CA ILE B 101 -15.43 -11.01 -8.89
C ILE B 101 -14.75 -11.63 -7.68
N ALA B 102 -15.19 -12.82 -7.34
CA ALA B 102 -14.63 -13.57 -6.23
C ALA B 102 -13.52 -14.48 -6.71
N LEU B 103 -12.28 -14.06 -6.49
CA LEU B 103 -11.12 -14.89 -6.79
C LEU B 103 -11.13 -16.02 -5.77
N ALA B 104 -11.05 -17.27 -6.24
CA ALA B 104 -11.32 -18.43 -5.40
C ALA B 104 -10.34 -19.55 -5.59
N HIS B 105 -10.05 -20.27 -4.51
CA HIS B 105 -9.40 -21.56 -4.59
C HIS B 105 -10.19 -22.48 -3.67
N ALA B 106 -10.57 -23.65 -4.20
CA ALA B 106 -11.49 -24.58 -3.54
C ALA B 106 -10.82 -25.50 -2.53
N GLY B 107 -9.50 -25.48 -2.49
CA GLY B 107 -8.73 -26.32 -1.59
C GLY B 107 -9.14 -27.79 -1.63
N ARG B 108 -9.28 -28.39 -0.45
CA ARG B 108 -9.56 -29.81 -0.31
C ARG B 108 -11.00 -30.17 -0.66
N LYS B 109 -11.84 -29.15 -0.83
CA LYS B 109 -13.22 -29.35 -1.26
C LYS B 109 -13.37 -29.33 -2.79
N SER B 110 -12.26 -29.33 -3.52
CA SER B 110 -12.31 -29.41 -4.97
C SER B 110 -12.75 -30.78 -5.37
N GLN B 111 -13.68 -30.85 -6.32
CA GLN B 111 -14.14 -32.10 -6.90
C GLN B 111 -13.57 -32.32 -8.30
N VAL B 112 -12.55 -31.56 -8.66
CA VAL B 112 -11.91 -31.71 -9.96
C VAL B 112 -11.07 -32.99 -9.89
N PRO B 113 -11.11 -33.82 -10.95
CA PRO B 113 -10.27 -35.01 -10.96
C PRO B 113 -8.79 -34.65 -10.87
N GLY B 114 -8.04 -35.49 -10.17
CA GLY B 114 -6.62 -35.31 -10.02
C GLY B 114 -6.30 -34.81 -8.63
N GLU B 115 -5.07 -34.31 -8.50
CA GLU B 115 -4.53 -33.83 -7.24
C GLU B 115 -5.26 -32.58 -6.77
N ILE B 116 -5.71 -32.59 -5.52
CA ILE B 116 -6.26 -31.40 -4.89
C ILE B 116 -5.32 -31.05 -3.74
N ILE B 117 -5.24 -29.77 -3.38
CA ILE B 117 -4.29 -29.34 -2.34
C ILE B 117 -4.93 -28.61 -1.16
N ALA B 118 -4.21 -28.60 -0.05
CA ALA B 118 -4.72 -28.12 1.22
C ALA B 118 -3.53 -27.83 2.13
N PRO B 119 -3.74 -27.08 3.23
CA PRO B 119 -2.65 -26.85 4.16
C PRO B 119 -2.12 -28.14 4.81
N SER B 120 -3.03 -29.07 5.08
CA SER B 120 -2.65 -30.34 5.68
C SER B 120 -3.41 -31.46 4.97
N ALA B 121 -2.79 -32.63 4.90
CA ALA B 121 -3.33 -33.78 4.16
C ALA B 121 -4.47 -34.46 4.91
N VAL B 122 -5.59 -33.77 5.00
CA VAL B 122 -6.71 -34.15 5.85
C VAL B 122 -8.00 -33.91 5.06
N PRO B 123 -8.76 -34.98 4.75
CA PRO B 123 -9.97 -34.79 3.92
C PRO B 123 -11.12 -34.04 4.60
N PHE B 124 -12.07 -33.56 3.81
CA PHE B 124 -13.28 -32.88 4.32
C PHE B 124 -14.12 -33.80 5.21
N ASP B 125 -14.38 -35.01 4.71
CA ASP B 125 -15.13 -36.05 5.42
C ASP B 125 -14.59 -37.42 5.00
N ASP B 126 -15.14 -38.48 5.58
CA ASP B 126 -14.77 -39.85 5.19
C ASP B 126 -14.91 -40.07 3.69
N SER B 127 -15.88 -39.43 3.07
CA SER B 127 -16.16 -39.62 1.65
C SER B 127 -15.31 -38.79 0.66
N SER B 128 -14.43 -37.92 1.16
CA SER B 128 -13.70 -36.98 0.30
C SER B 128 -12.25 -37.41 0.05
N PRO B 129 -11.69 -37.09 -1.14
CA PRO B 129 -10.26 -37.38 -1.39
C PRO B 129 -9.35 -36.70 -0.36
N THR B 130 -8.23 -37.35 -0.04
CA THR B 130 -7.25 -36.74 0.84
C THR B 130 -6.35 -35.81 0.02
N PRO B 131 -6.27 -34.53 0.39
CA PRO B 131 -5.46 -33.60 -0.39
C PRO B 131 -3.96 -33.75 -0.14
N LYS B 132 -3.18 -33.13 -1.01
CA LYS B 132 -1.72 -33.10 -0.86
C LYS B 132 -1.34 -31.95 0.05
N GLU B 133 -0.65 -32.24 1.15
CA GLU B 133 -0.07 -31.20 1.99
C GLU B 133 0.80 -30.27 1.14
N MET B 134 0.63 -28.97 1.32
CA MET B 134 1.26 -27.98 0.44
C MET B 134 2.69 -27.66 0.89
N THR B 135 3.60 -27.58 -0.08
CA THR B 135 4.99 -27.15 0.14
C THR B 135 5.03 -25.62 0.15
N LYS B 136 6.11 -25.04 0.68
CA LYS B 136 6.27 -23.59 0.61
C LYS B 136 6.21 -23.09 -0.84
N ALA B 137 6.74 -23.88 -1.77
CA ALA B 137 6.62 -23.59 -3.19
C ALA B 137 5.15 -23.53 -3.61
N ASP B 138 4.36 -24.52 -3.20
CA ASP B 138 2.94 -24.54 -3.51
C ASP B 138 2.26 -23.28 -3.01
N ILE B 139 2.53 -22.95 -1.75
CA ILE B 139 2.01 -21.73 -1.15
C ILE B 139 2.32 -20.50 -2.00
N GLU B 140 3.59 -20.24 -2.26
CA GLU B 140 4.03 -19.07 -3.04
C GLU B 140 3.31 -18.97 -4.39
N GLU B 141 3.26 -20.09 -5.10
CA GLU B 141 2.61 -20.18 -6.40
C GLU B 141 1.12 -19.89 -6.32
N THR B 142 0.47 -20.39 -5.27
CA THR B 142 -0.95 -20.12 -5.06
C THR B 142 -1.21 -18.63 -4.79
N VAL B 143 -0.36 -18.00 -3.97
CA VAL B 143 -0.42 -16.55 -3.74
C VAL B 143 -0.20 -15.81 -5.05
N GLN B 144 0.73 -16.32 -5.86
CA GLN B 144 1.00 -15.77 -7.18
C GLN B 144 -0.19 -15.91 -8.14
N ALA B 145 -0.86 -17.07 -8.10
CA ALA B 145 -2.07 -17.26 -8.89
C ALA B 145 -3.12 -16.22 -8.54
N PHE B 146 -3.31 -16.00 -7.23
CA PHE B 146 -4.24 -14.98 -6.75
C PHE B 146 -3.89 -13.60 -7.28
N GLN B 147 -2.60 -13.27 -7.27
CA GLN B 147 -2.16 -11.97 -7.77
C GLN B 147 -2.45 -11.82 -9.25
N ASN B 148 -2.23 -12.89 -10.01
CA ASN B 148 -2.48 -12.88 -11.45
C ASN B 148 -3.95 -12.78 -11.76
N GLY B 149 -4.75 -13.49 -10.98
CA GLY B 149 -6.21 -13.40 -11.08
C GLY B 149 -6.65 -11.96 -10.93
N ALA B 150 -6.07 -11.26 -9.96
CA ALA B 150 -6.39 -9.86 -9.71
C ALA B 150 -6.00 -8.97 -10.88
N ARG B 151 -4.76 -9.19 -11.36
CA ARG B 151 -4.24 -8.46 -12.52
C ARG B 151 -5.18 -8.61 -13.72
N ARG B 152 -5.64 -9.84 -13.95
CA ARG B 152 -6.56 -10.12 -15.06
C ARG B 152 -7.93 -9.48 -14.87
N ALA B 153 -8.44 -9.51 -13.64
CA ALA B 153 -9.73 -8.91 -13.31
C ALA B 153 -9.69 -7.41 -13.54
N LYS B 154 -8.61 -6.78 -13.09
CA LYS B 154 -8.38 -5.37 -13.36
C LYS B 154 -8.44 -5.11 -14.86
N GLU B 155 -7.67 -5.87 -15.63
CA GLU B 155 -7.62 -5.72 -17.09
C GLU B 155 -8.97 -5.97 -17.76
N ALA B 156 -9.76 -6.89 -17.20
CA ALA B 156 -11.11 -7.14 -17.72
C ALA B 156 -12.11 -6.02 -17.35
N GLY B 157 -11.74 -5.14 -16.44
CA GLY B 157 -12.53 -3.95 -16.14
C GLY B 157 -13.48 -4.08 -14.97
N PHE B 158 -13.27 -5.07 -14.11
CA PHE B 158 -14.05 -5.21 -12.88
C PHE B 158 -13.85 -4.01 -11.97
N ASP B 159 -14.88 -3.68 -11.20
CA ASP B 159 -14.84 -2.55 -10.28
C ASP B 159 -14.39 -2.94 -8.88
N VAL B 160 -14.62 -4.21 -8.53
CA VAL B 160 -14.36 -4.71 -7.21
C VAL B 160 -13.73 -6.09 -7.31
N ILE B 161 -12.82 -6.37 -6.39
CA ILE B 161 -12.26 -7.70 -6.27
C ILE B 161 -12.60 -8.24 -4.90
N GLU B 162 -12.96 -9.52 -4.83
CA GLU B 162 -13.17 -10.19 -3.57
C GLU B 162 -12.24 -11.38 -3.45
N ILE B 163 -11.42 -11.41 -2.41
CA ILE B 163 -10.61 -12.57 -2.11
C ILE B 163 -11.52 -13.54 -1.34
N HIS B 164 -11.72 -14.73 -1.89
CA HIS B 164 -12.65 -15.71 -1.29
C HIS B 164 -11.98 -16.66 -0.31
N ALA B 165 -12.22 -16.39 0.98
CA ALA B 165 -11.63 -17.14 2.09
C ALA B 165 -12.70 -17.70 3.00
N ALA B 166 -13.76 -18.24 2.39
CA ALA B 166 -14.92 -18.70 3.13
C ALA B 166 -15.32 -20.11 2.70
N HIS B 167 -16.34 -20.63 3.37
CA HIS B 167 -17.02 -21.88 2.98
C HIS B 167 -16.11 -23.10 2.84
N GLY B 168 -15.14 -23.20 3.75
CA GLY B 168 -14.27 -24.37 3.83
C GLY B 168 -13.28 -24.56 2.72
N PHE B 169 -13.12 -23.53 1.89
CA PHE B 169 -12.23 -23.56 0.74
C PHE B 169 -10.83 -23.16 1.19
N LEU B 170 -9.87 -23.19 0.26
CA LEU B 170 -8.46 -23.14 0.62
C LEU B 170 -8.11 -22.18 1.74
N ILE B 171 -8.30 -20.88 1.54
CA ILE B 171 -7.84 -19.89 2.53
C ILE B 171 -8.51 -20.14 3.88
N ASN B 172 -9.82 -20.38 3.85
CA ASN B 172 -10.58 -20.74 5.04
C ASN B 172 -9.96 -21.95 5.76
N GLU B 173 -9.43 -22.90 4.99
CA GLU B 173 -8.80 -24.09 5.55
C GLU B 173 -7.51 -23.80 6.30
N PHE B 174 -6.74 -22.82 5.84
CA PHE B 174 -5.55 -22.37 6.57
C PHE B 174 -5.95 -21.75 7.90
N LEU B 175 -7.01 -20.94 7.88
CA LEU B 175 -7.46 -20.20 9.06
C LEU B 175 -7.95 -21.13 10.17
N SER B 176 -8.75 -22.13 9.81
CA SER B 176 -9.32 -23.04 10.81
C SER B 176 -8.35 -24.14 11.24
N PRO B 177 -8.19 -24.32 12.56
CA PRO B 177 -7.30 -25.38 13.05
C PRO B 177 -7.87 -26.79 12.87
N LEU B 178 -9.15 -26.90 12.55
CA LEU B 178 -9.73 -28.19 12.16
C LEU B 178 -8.94 -28.74 10.99
N SER B 179 -8.71 -27.88 10.00
CA SER B 179 -8.12 -28.27 8.71
C SER B 179 -6.62 -27.98 8.59
N ASN B 180 -6.13 -27.02 9.37
CA ASN B 180 -4.72 -26.64 9.37
C ASN B 180 -3.98 -27.23 10.58
N ARG B 181 -3.26 -28.32 10.34
CA ARG B 181 -2.48 -29.01 11.37
C ARG B 181 -0.97 -28.81 11.16
N ARG B 182 -0.60 -27.72 10.49
CA ARG B 182 0.78 -27.50 10.10
C ARG B 182 1.63 -27.01 11.26
N GLN B 183 2.91 -27.38 11.21
CA GLN B 183 3.87 -27.09 12.26
C GLN B 183 5.01 -26.23 11.74
N ASP B 184 4.70 -25.34 10.81
CA ASP B 184 5.67 -24.35 10.37
C ASP B 184 5.03 -23.00 10.56
N GLU B 185 5.67 -21.97 10.02
CA GLU B 185 5.12 -20.61 10.02
C GLU B 185 3.65 -20.45 9.51
N TYR B 186 3.08 -21.45 8.83
CA TYR B 186 1.72 -21.32 8.29
C TYR B 186 0.60 -21.96 9.12
N GLY B 187 0.96 -22.63 10.21
CA GLY B 187 -0.02 -23.20 11.15
C GLY B 187 0.48 -23.14 12.57
N GLY B 188 -0.34 -23.63 13.51
CA GLY B 188 0.08 -23.74 14.90
C GLY B 188 -0.31 -22.60 15.82
N SER B 189 -0.46 -21.40 15.29
CA SER B 189 -0.87 -20.24 16.10
C SER B 189 -1.83 -19.35 15.33
N PRO B 190 -2.62 -18.53 16.06
CA PRO B 190 -3.56 -17.60 15.40
C PRO B 190 -2.90 -16.74 14.32
N GLU B 191 -1.69 -16.24 14.61
CA GLU B 191 -0.94 -15.40 13.69
C GLU B 191 -0.50 -16.18 12.45
N ASN B 192 -0.09 -17.43 12.67
CA ASN B 192 0.41 -18.28 11.60
C ASN B 192 -0.68 -18.74 10.65
N ARG B 193 -1.84 -19.06 11.20
CA ARG B 193 -2.96 -19.51 10.39
C ARG B 193 -3.44 -18.36 9.47
N TYR B 194 -3.38 -17.14 9.97
CA TYR B 194 -3.71 -15.95 9.19
C TYR B 194 -2.78 -15.69 8.00
N ARG B 195 -1.49 -16.04 8.16
CA ARG B 195 -0.44 -15.63 7.21
C ARG B 195 -0.78 -15.85 5.72
N PHE B 196 -1.39 -17.00 5.41
CA PHE B 196 -1.73 -17.31 4.03
C PHE B 196 -2.63 -16.22 3.43
N LEU B 197 -3.74 -15.94 4.10
CA LEU B 197 -4.64 -14.86 3.71
C LEU B 197 -3.88 -13.54 3.62
N GLY B 198 -3.08 -13.27 4.65
CA GLY B 198 -2.33 -12.01 4.73
C GLY B 198 -1.43 -11.75 3.52
N GLU B 199 -0.73 -12.79 3.09
CA GLU B 199 0.15 -12.70 1.92
C GLU B 199 -0.64 -12.54 0.63
N VAL B 200 -1.84 -13.12 0.57
CA VAL B 200 -2.75 -12.95 -0.56
C VAL B 200 -3.26 -11.50 -0.65
N ILE B 201 -3.66 -10.94 0.49
CA ILE B 201 -4.13 -9.55 0.51
C ILE B 201 -3.01 -8.59 0.06
N ASP B 202 -1.80 -8.81 0.56
CA ASP B 202 -0.63 -8.04 0.14
C ASP B 202 -0.36 -8.22 -1.35
N ALA B 203 -0.35 -9.49 -1.79
CA ALA B 203 -0.09 -9.83 -3.19
C ALA B 203 -1.10 -9.18 -4.14
N VAL B 204 -2.37 -9.21 -3.77
CA VAL B 204 -3.40 -8.57 -4.59
C VAL B 204 -3.27 -7.05 -4.56
N ARG B 205 -3.00 -6.50 -3.38
CA ARG B 205 -2.87 -5.04 -3.21
C ARG B 205 -1.67 -4.43 -3.93
N GLU B 206 -0.68 -5.25 -4.28
CA GLU B 206 0.44 -4.80 -5.12
C GLU B 206 -0.03 -4.39 -6.51
N VAL B 207 -0.97 -5.15 -7.06
CA VAL B 207 -1.41 -4.97 -8.45
C VAL B 207 -2.77 -4.29 -8.59
N TRP B 208 -3.43 -3.99 -7.47
CA TRP B 208 -4.81 -3.49 -7.47
C TRP B 208 -5.04 -2.57 -6.30
N ASP B 209 -5.37 -1.30 -6.58
CA ASP B 209 -5.63 -0.32 -5.53
C ASP B 209 -7.12 0.00 -5.37
N GLY B 210 -7.98 -0.63 -6.17
CA GLY B 210 -9.43 -0.42 -6.09
C GLY B 210 -10.09 -1.08 -4.89
N PRO B 211 -11.44 -0.98 -4.80
CA PRO B 211 -12.24 -1.65 -3.77
C PRO B 211 -11.93 -3.15 -3.62
N LEU B 212 -11.73 -3.61 -2.39
CA LEU B 212 -11.29 -4.98 -2.14
C LEU B 212 -12.10 -5.60 -1.01
N PHE B 213 -12.86 -6.65 -1.34
CA PHE B 213 -13.63 -7.38 -0.36
C PHE B 213 -12.86 -8.63 0.03
N VAL B 214 -13.19 -9.18 1.20
CA VAL B 214 -12.75 -10.51 1.59
C VAL B 214 -13.93 -11.27 2.17
N ALA B 215 -14.19 -12.45 1.62
CA ALA B 215 -15.25 -13.33 2.13
C ALA B 215 -14.70 -14.22 3.23
N ILE B 216 -15.41 -14.29 4.36
CA ILE B 216 -15.03 -15.21 5.44
C ILE B 216 -16.21 -16.04 5.92
N SER B 217 -15.90 -17.12 6.63
CA SER B 217 -16.89 -17.90 7.36
C SER B 217 -16.61 -17.64 8.83
N ALA B 218 -17.42 -16.78 9.44
CA ALA B 218 -17.15 -16.30 10.80
C ALA B 218 -17.28 -17.39 11.87
N SER B 219 -17.88 -18.53 11.54
CA SER B 219 -17.99 -19.64 12.49
C SER B 219 -17.90 -21.00 11.81
N ASP B 220 -17.16 -21.90 12.45
CA ASP B 220 -17.01 -23.27 11.97
C ASP B 220 -18.13 -24.17 12.49
N TYR B 221 -18.90 -23.67 13.46
CA TYR B 221 -19.97 -24.45 14.11
C TYR B 221 -19.41 -25.77 14.65
N HIS B 222 -18.30 -25.68 15.37
CA HIS B 222 -17.63 -26.85 15.91
C HIS B 222 -16.89 -26.47 17.20
N PRO B 223 -17.05 -27.26 18.27
CA PRO B 223 -16.44 -26.94 19.57
C PRO B 223 -14.96 -26.56 19.47
N ASP B 224 -14.19 -27.31 18.69
CA ASP B 224 -12.75 -27.06 18.50
C ASP B 224 -12.40 -26.16 17.31
N GLY B 225 -13.41 -25.56 16.69
CA GLY B 225 -13.20 -24.68 15.53
C GLY B 225 -13.26 -23.22 15.93
N LEU B 226 -13.26 -22.36 14.92
CA LEU B 226 -13.27 -20.92 15.15
C LEU B 226 -14.68 -20.38 15.37
N THR B 227 -14.75 -19.26 16.08
CA THR B 227 -15.99 -18.50 16.24
C THR B 227 -15.74 -17.06 15.82
N ALA B 228 -16.80 -16.28 15.67
CA ALA B 228 -16.73 -14.89 15.21
C ALA B 228 -15.79 -14.01 16.04
N LYS B 229 -15.58 -14.37 17.31
CA LYS B 229 -14.56 -13.72 18.16
C LYS B 229 -13.20 -13.77 17.45
N ASP B 230 -12.86 -14.96 16.95
CA ASP B 230 -11.57 -15.20 16.32
C ASP B 230 -11.31 -14.35 15.07
N TYR B 231 -12.37 -14.00 14.35
CA TYR B 231 -12.22 -13.16 13.14
C TYR B 231 -12.14 -11.65 13.45
N VAL B 232 -12.22 -11.25 14.72
CA VAL B 232 -12.06 -9.84 15.09
C VAL B 232 -10.60 -9.39 14.97
N PRO B 233 -9.66 -10.15 15.55
CA PRO B 233 -8.25 -9.81 15.28
C PRO B 233 -7.97 -9.81 13.78
N TYR B 234 -8.40 -10.87 13.11
CA TYR B 234 -8.18 -11.02 11.67
C TYR B 234 -8.76 -9.85 10.86
N ALA B 235 -9.93 -9.37 11.26
CA ALA B 235 -10.55 -8.24 10.55
C ALA B 235 -9.80 -6.96 10.82
N LYS B 236 -9.30 -6.79 12.04
CA LYS B 236 -8.45 -5.63 12.38
C LYS B 236 -7.20 -5.63 11.50
N ARG B 237 -6.65 -6.82 11.32
CA ARG B 237 -5.48 -7.03 10.48
C ARG B 237 -5.79 -6.69 9.02
N MET B 238 -6.89 -7.27 8.51
CA MET B 238 -7.37 -6.99 7.16
C MET B 238 -7.53 -5.47 6.92
N LYS B 239 -8.04 -4.75 7.92
CA LYS B 239 -8.24 -3.32 7.80
C LYS B 239 -6.92 -2.60 7.51
N GLU B 240 -5.90 -2.90 8.31
CA GLU B 240 -4.56 -2.32 8.13
C GLU B 240 -3.98 -2.70 6.78
N GLN B 241 -4.22 -3.93 6.35
CA GLN B 241 -3.71 -4.40 5.06
C GLN B 241 -4.44 -3.80 3.87
N GLY B 242 -5.50 -3.02 4.11
CA GLY B 242 -6.16 -2.28 3.06
C GLY B 242 -7.49 -2.85 2.59
N VAL B 243 -7.97 -3.91 3.26
CA VAL B 243 -9.26 -4.50 2.87
C VAL B 243 -10.37 -3.52 3.23
N ASP B 244 -11.25 -3.25 2.27
CA ASP B 244 -12.24 -2.20 2.41
C ASP B 244 -13.53 -2.66 3.08
N LEU B 245 -13.91 -3.91 2.83
CA LEU B 245 -15.13 -4.48 3.38
C LEU B 245 -14.97 -5.99 3.59
N VAL B 246 -15.71 -6.53 4.55
CA VAL B 246 -15.69 -7.96 4.81
C VAL B 246 -17.06 -8.57 4.56
N ASP B 247 -17.07 -9.52 3.64
CA ASP B 247 -18.27 -10.24 3.27
C ASP B 247 -18.40 -11.40 4.27
N VAL B 248 -19.32 -11.25 5.22
CA VAL B 248 -19.38 -12.15 6.36
C VAL B 248 -20.51 -13.17 6.23
N SER B 249 -20.14 -14.38 5.83
CA SER B 249 -21.03 -15.52 5.90
C SER B 249 -20.50 -16.45 6.99
N SER B 250 -20.80 -17.74 6.91
CA SER B 250 -20.32 -18.70 7.91
C SER B 250 -20.30 -20.15 7.40
N GLY B 251 -19.72 -21.04 8.21
CA GLY B 251 -19.88 -22.48 8.04
C GLY B 251 -19.15 -23.12 6.88
N ALA B 252 -19.42 -24.41 6.72
CA ALA B 252 -18.98 -25.24 5.58
C ALA B 252 -17.51 -25.70 5.61
N ILE B 253 -16.81 -25.48 6.72
CA ILE B 253 -15.41 -25.94 6.83
C ILE B 253 -15.32 -27.46 7.01
N VAL B 254 -16.17 -27.99 7.88
CA VAL B 254 -16.35 -29.42 8.07
C VAL B 254 -17.85 -29.69 8.17
N PRO B 255 -18.30 -30.94 7.98
CA PRO B 255 -19.72 -31.16 8.11
C PRO B 255 -20.17 -30.75 9.50
N ALA B 256 -21.28 -30.03 9.57
CA ALA B 256 -21.83 -29.57 10.83
C ALA B 256 -23.29 -29.22 10.59
N ARG B 257 -24.17 -29.71 11.46
CA ARG B 257 -25.53 -29.18 11.54
C ARG B 257 -25.44 -27.75 12.08
N MET B 258 -26.17 -26.84 11.44
CA MET B 258 -26.14 -25.43 11.79
C MET B 258 -27.59 -24.92 11.72
N ASN B 259 -27.98 -24.17 12.72
CA ASN B 259 -29.32 -23.65 12.81
C ASN B 259 -29.49 -22.49 11.83
N VAL B 260 -30.38 -22.65 10.86
CA VAL B 260 -30.65 -21.61 9.85
C VAL B 260 -32.03 -20.98 10.04
N TYR B 261 -32.07 -19.65 9.97
CA TYR B 261 -33.29 -18.87 10.19
C TYR B 261 -33.00 -17.46 9.67
N PRO B 262 -34.02 -16.59 9.59
CA PRO B 262 -33.85 -15.20 9.09
C PRO B 262 -32.70 -14.43 9.75
N GLY B 263 -31.83 -13.85 8.92
CA GLY B 263 -30.70 -13.04 9.40
C GLY B 263 -29.79 -13.73 10.40
N TYR B 264 -29.59 -15.04 10.21
CA TYR B 264 -28.80 -15.86 11.14
C TYR B 264 -27.30 -15.59 11.10
N GLN B 265 -26.84 -14.86 10.09
CA GLN B 265 -25.41 -14.49 10.00
C GLN B 265 -25.20 -12.99 10.21
N VAL B 266 -26.26 -12.29 10.60
CA VAL B 266 -26.18 -10.84 10.81
C VAL B 266 -25.30 -10.50 12.03
N PRO B 267 -25.47 -11.22 13.15
CA PRO B 267 -24.66 -10.87 14.33
C PRO B 267 -23.17 -11.07 14.10
N PHE B 268 -22.79 -11.99 13.22
CA PHE B 268 -21.39 -12.14 12.83
C PHE B 268 -20.94 -10.87 12.13
N ALA B 269 -21.71 -10.46 11.14
CA ALA B 269 -21.41 -9.27 10.34
C ALA B 269 -21.33 -7.97 11.16
N GLU B 270 -22.04 -7.94 12.29
CA GLU B 270 -22.04 -6.77 13.16
C GLU B 270 -20.89 -6.79 14.17
N LEU B 271 -20.59 -7.96 14.71
CA LEU B 271 -19.48 -8.10 15.64
C LEU B 271 -18.18 -7.65 14.97
N ILE B 272 -17.88 -8.20 13.79
CA ILE B 272 -16.70 -7.81 13.02
C ILE B 272 -16.75 -6.32 12.70
N ARG B 273 -17.94 -5.83 12.34
CA ARG B 273 -18.12 -4.42 12.02
C ARG B 273 -17.74 -3.46 13.16
N ARG B 274 -18.32 -3.69 14.33
CA ARG B 274 -18.12 -2.78 15.47
C ARG B 274 -16.77 -2.99 16.14
N GLU B 275 -16.40 -4.25 16.35
CA GLU B 275 -15.20 -4.60 17.09
C GLU B 275 -13.91 -4.32 16.28
N ALA B 276 -13.94 -4.56 14.97
CA ALA B 276 -12.78 -4.27 14.10
C ALA B 276 -12.83 -2.87 13.48
N ASP B 277 -13.97 -2.21 13.60
CA ASP B 277 -14.21 -0.89 13.02
C ASP B 277 -14.01 -0.89 11.50
N ILE B 278 -14.57 -1.90 10.82
CA ILE B 278 -14.41 -2.09 9.38
C ILE B 278 -15.78 -2.31 8.72
N PRO B 279 -15.97 -1.76 7.50
CA PRO B 279 -17.25 -2.03 6.84
C PRO B 279 -17.50 -3.52 6.61
N THR B 280 -18.76 -3.95 6.78
CA THR B 280 -19.15 -5.35 6.52
C THR B 280 -20.37 -5.49 5.62
N GLY B 281 -20.48 -6.67 5.02
CA GLY B 281 -21.66 -7.06 4.27
C GLY B 281 -22.35 -8.25 4.93
N ALA B 282 -23.63 -8.09 5.23
CA ALA B 282 -24.40 -9.17 5.83
C ALA B 282 -25.04 -9.99 4.74
N VAL B 283 -25.22 -11.28 5.01
CA VAL B 283 -25.84 -12.16 4.05
C VAL B 283 -26.60 -13.30 4.72
N GLY B 284 -27.49 -13.93 3.95
CA GLY B 284 -28.17 -15.14 4.36
C GLY B 284 -29.56 -14.86 4.86
N LEU B 285 -30.54 -15.41 4.15
CA LEU B 285 -31.97 -15.26 4.44
C LEU B 285 -32.37 -13.83 4.79
N ILE B 286 -32.26 -12.96 3.80
CA ILE B 286 -32.76 -11.59 3.88
C ILE B 286 -33.91 -11.47 2.86
N THR B 287 -35.12 -11.83 3.30
CA THR B 287 -36.29 -11.87 2.41
C THR B 287 -36.75 -10.50 1.95
N SER B 288 -37.16 -9.65 2.89
CA SER B 288 -37.84 -8.40 2.57
C SER B 288 -36.92 -7.19 2.50
N GLY B 289 -37.46 -6.11 1.96
CA GLY B 289 -36.80 -4.80 1.94
C GLY B 289 -36.79 -4.18 3.32
N TRP B 290 -37.84 -4.46 4.10
CA TRP B 290 -37.92 -3.98 5.49
C TRP B 290 -36.79 -4.54 6.34
N GLN B 291 -36.51 -5.84 6.18
CA GLN B 291 -35.47 -6.51 6.97
C GLN B 291 -34.07 -5.99 6.64
N ALA B 292 -33.85 -5.71 5.36
CA ALA B 292 -32.59 -5.14 4.89
C ALA B 292 -32.39 -3.71 5.41
N GLU B 293 -33.48 -2.96 5.52
CA GLU B 293 -33.44 -1.60 6.00
C GLU B 293 -33.03 -1.54 7.47
N GLU B 294 -33.52 -2.50 8.27
CA GLU B 294 -33.19 -2.54 9.70
C GLU B 294 -31.71 -2.83 9.90
N ILE B 295 -31.14 -3.68 9.05
CA ILE B 295 -29.75 -4.05 9.14
C ILE B 295 -28.87 -2.82 8.95
N LEU B 296 -29.17 -2.03 7.91
CA LEU B 296 -28.39 -0.84 7.57
C LEU B 296 -28.58 0.28 8.61
N GLN B 297 -29.83 0.46 9.02
CA GLN B 297 -30.19 1.52 9.94
C GLN B 297 -29.70 1.30 11.37
N ASN B 298 -29.49 0.05 11.78
CA ASN B 298 -28.96 -0.24 13.12
C ASN B 298 -27.48 -0.59 13.10
N GLY B 299 -26.76 -0.19 12.06
CA GLY B 299 -25.31 -0.38 11.98
C GLY B 299 -24.84 -1.82 12.11
N ARG B 300 -25.64 -2.75 11.60
CA ARG B 300 -25.31 -4.19 11.66
C ARG B 300 -24.41 -4.57 10.49
N ALA B 301 -24.63 -3.90 9.36
CA ALA B 301 -23.77 -4.02 8.19
C ALA B 301 -23.85 -2.73 7.35
N ASP B 302 -23.07 -2.67 6.27
CA ASP B 302 -23.09 -1.50 5.37
C ASP B 302 -23.67 -1.83 4.00
N LEU B 303 -23.61 -3.10 3.63
CA LEU B 303 -24.24 -3.58 2.42
C LEU B 303 -24.95 -4.89 2.76
N VAL B 304 -26.11 -5.10 2.14
CA VAL B 304 -26.79 -6.38 2.29
C VAL B 304 -26.49 -7.20 1.04
N PHE B 305 -25.95 -8.39 1.27
CA PHE B 305 -25.61 -9.29 0.19
C PHE B 305 -26.81 -10.21 0.03
N LEU B 306 -27.17 -10.50 -1.22
CA LEU B 306 -28.32 -11.35 -1.49
C LEU B 306 -27.92 -12.61 -2.25
N GLY B 307 -28.63 -13.70 -1.99
CA GLY B 307 -28.28 -15.00 -2.56
C GLY B 307 -29.43 -15.55 -3.37
N ALA B 308 -30.05 -16.62 -2.87
CA ALA B 308 -31.20 -17.20 -3.53
C ALA B 308 -32.28 -16.16 -3.86
N GLU B 309 -32.47 -15.18 -2.98
CA GLU B 309 -33.45 -14.10 -3.20
C GLU B 309 -33.35 -13.53 -4.62
N LEU B 310 -32.13 -13.39 -5.12
CA LEU B 310 -31.88 -12.88 -6.47
C LEU B 310 -31.95 -13.96 -7.55
N LEU B 311 -31.81 -15.22 -7.17
CA LEU B 311 -32.11 -16.33 -8.08
C LEU B 311 -33.62 -16.45 -8.22
N ARG B 312 -34.35 -16.20 -7.14
CA ARG B 312 -35.82 -16.26 -7.15
C ARG B 312 -36.42 -15.07 -7.88
N ASN B 313 -35.82 -13.91 -7.69
CA ASN B 313 -36.21 -12.71 -8.42
C ASN B 313 -35.01 -11.84 -8.75
N PRO B 314 -34.64 -11.77 -10.03
CA PRO B 314 -33.53 -10.91 -10.39
C PRO B 314 -33.84 -9.42 -10.23
N TYR B 315 -35.14 -9.06 -10.20
CA TYR B 315 -35.56 -7.66 -10.04
C TYR B 315 -36.04 -7.41 -8.61
N TRP B 316 -35.39 -8.05 -7.66
CA TRP B 316 -35.75 -7.95 -6.25
C TRP B 316 -35.71 -6.50 -5.78
N PRO B 317 -34.73 -5.71 -6.24
CA PRO B 317 -34.69 -4.31 -5.79
C PRO B 317 -35.96 -3.52 -6.12
N TYR B 318 -36.57 -3.78 -7.28
CA TYR B 318 -37.84 -3.15 -7.64
C TYR B 318 -38.93 -3.55 -6.64
N ALA B 319 -38.99 -4.84 -6.33
CA ALA B 319 -39.92 -5.35 -5.34
C ALA B 319 -39.71 -4.67 -4.00
N ALA B 320 -38.45 -4.58 -3.58
CA ALA B 320 -38.12 -3.96 -2.31
C ALA B 320 -38.47 -2.48 -2.30
N ALA B 321 -38.21 -1.79 -3.41
CA ALA B 321 -38.50 -0.36 -3.50
C ALA B 321 -40.00 -0.04 -3.49
N ARG B 322 -40.82 -0.96 -4.03
CA ARG B 322 -42.28 -0.85 -3.89
C ARG B 322 -42.67 -1.04 -2.42
N GLU B 323 -42.16 -2.10 -1.82
CA GLU B 323 -42.40 -2.41 -0.42
C GLU B 323 -42.00 -1.25 0.52
N LEU B 324 -40.90 -0.56 0.21
CA LEU B 324 -40.46 0.58 1.03
C LEU B 324 -40.95 1.93 0.54
N GLY B 325 -41.69 1.96 -0.57
CA GLY B 325 -42.13 3.22 -1.16
C GLY B 325 -40.96 4.14 -1.44
N ALA B 326 -39.95 3.60 -2.12
CA ALA B 326 -38.76 4.36 -2.52
C ALA B 326 -38.74 4.59 -4.03
N LYS B 327 -38.07 5.67 -4.44
CA LYS B 327 -37.87 6.00 -5.84
C LYS B 327 -36.58 5.32 -6.31
N ILE B 328 -36.66 4.55 -7.40
CA ILE B 328 -35.45 4.04 -8.07
C ILE B 328 -35.57 4.17 -9.59
N SER B 329 -34.44 4.21 -10.28
CA SER B 329 -34.41 4.31 -11.74
C SER B 329 -34.77 2.99 -12.39
N ALA B 330 -35.79 2.99 -13.22
CA ALA B 330 -36.11 1.85 -14.06
C ALA B 330 -35.33 1.97 -15.35
N PRO B 331 -34.88 0.84 -15.91
CA PRO B 331 -34.43 0.90 -17.30
C PRO B 331 -35.50 1.60 -18.11
N VAL B 332 -35.09 2.41 -19.08
CA VAL B 332 -36.05 3.26 -19.83
C VAL B 332 -37.17 2.40 -20.47
N GLN B 333 -36.83 1.17 -20.85
CA GLN B 333 -37.77 0.25 -21.48
C GLN B 333 -38.90 -0.19 -20.55
N TYR B 334 -38.62 -0.20 -19.26
CA TYR B 334 -39.60 -0.65 -18.27
C TYR B 334 -40.16 0.51 -17.41
N GLU B 335 -39.88 1.76 -17.77
CA GLU B 335 -40.36 2.91 -16.98
C GLU B 335 -41.86 2.82 -16.78
N ARG B 336 -42.61 2.80 -17.88
CA ARG B 336 -44.07 2.74 -17.78
C ARG B 336 -44.57 1.44 -17.15
N GLY B 337 -43.84 0.35 -17.40
CA GLY B 337 -44.17 -0.96 -16.80
C GLY B 337 -44.03 -0.98 -15.29
N TRP B 338 -42.98 -0.33 -14.79
CA TRP B 338 -42.76 -0.17 -13.36
C TRP B 338 -43.59 1.00 -12.80
N ARG B 339 -44.33 1.67 -13.71
CA ARG B 339 -45.32 2.72 -13.43
C ARG B 339 -44.75 3.89 -12.67
#